data_6WM8
#
_entry.id   6WM8
#
_cell.length_a   138.368
_cell.length_b   138.368
_cell.length_c   220.209
_cell.angle_alpha   90.00
_cell.angle_beta   90.00
_cell.angle_gamma   90.00
#
_symmetry.space_group_name_H-M   'P 41 21 2'
#
loop_
_entity.id
_entity.type
_entity.pdbx_description
1 polymer 'Proliferation-associated protein 2G4'
2 non-polymer 'SULFATE ION'
3 water water
#
_entity_poly.entity_id   1
_entity_poly.type   'polypeptide(L)'
_entity_poly.pdbx_seq_one_letter_code
;MGHHHHHHSGEDEQQEQTIAEDLVVTKYKMGGDIANRVLRSLVEASSSGVSVLSLCEKGDAMIMEETGKIFKKEKEMKKG
IAFPTSISVNNCVCHFSPLKSDQDYILKEGDLVKIDLGVHVDGFIANVAHTFVVDVAQGTQVTGRKADVIKAAHLCAEAA
LRLVKPGNQNTQVTEAWNKVAHSFNCTPIEGMLSHQLKQHVIDGEKTIIQNPTDQQKKDHEKAEFEVHEVYAVDVLVSSG
EGKAKDAGQRTTIYKRDPSKQYGLKMKTSRAFFSEVERRFDAMPFTLRAFEDEKKARMGVVECAKHELLQPFNVLYEKEG
EFVAQFKFTVLLMPNGPMRITSGPFEPDLYKSEMEVQDAELKALLQSSA
;
_entity_poly.pdbx_strand_id   A,B,C
#
loop_
_chem_comp.id
_chem_comp.type
_chem_comp.name
_chem_comp.formula
SO4 non-polymer 'SULFATE ION' 'O4 S -2'
#
# COMPACT_ATOMS: atom_id res chain seq x y z
N GLN A 14 25.21 -8.50 9.04
CA GLN A 14 25.53 -9.32 7.83
C GLN A 14 25.25 -10.81 8.14
N GLN A 15 25.71 -11.29 9.31
CA GLN A 15 25.30 -12.60 9.91
C GLN A 15 23.80 -12.43 10.27
N GLU A 16 23.44 -11.25 10.81
CA GLU A 16 22.08 -10.92 11.36
C GLU A 16 20.97 -11.13 10.30
N GLN A 17 19.87 -11.76 10.69
CA GLN A 17 18.64 -11.89 9.89
C GLN A 17 17.80 -10.61 10.07
N THR A 18 17.67 -9.83 8.99
CA THR A 18 17.00 -8.51 8.95
C THR A 18 15.85 -8.57 7.95
N ILE A 19 14.95 -7.60 8.09
CA ILE A 19 13.86 -7.31 7.13
C ILE A 19 14.42 -6.95 5.74
N ALA A 20 15.73 -6.95 5.51
CA ALA A 20 16.30 -7.00 4.14
C ALA A 20 15.93 -8.32 3.45
N GLU A 21 15.74 -9.42 4.19
CA GLU A 21 15.30 -10.75 3.69
C GLU A 21 13.76 -11.01 3.71
N ASP A 22 13.21 -11.39 2.56
CA ASP A 22 11.80 -11.84 2.36
C ASP A 22 11.32 -12.80 3.48
N LEU A 23 12.04 -13.84 3.88
CA LEU A 23 11.44 -14.79 4.85
C LEU A 23 11.26 -14.11 6.22
N VAL A 24 12.07 -13.12 6.53
CA VAL A 24 11.98 -12.43 7.84
C VAL A 24 10.75 -11.52 7.86
N VAL A 25 10.51 -10.73 6.81
CA VAL A 25 9.31 -9.83 6.73
C VAL A 25 8.11 -10.73 6.99
N THR A 26 8.11 -11.92 6.39
CA THR A 26 7.01 -12.89 6.47
C THR A 26 6.80 -13.30 7.90
N LYS A 27 7.85 -13.62 8.65
CA LYS A 27 7.58 -14.03 10.05
C LYS A 27 7.04 -12.82 10.84
N TYR A 28 7.50 -11.63 10.51
CA TYR A 28 7.11 -10.46 11.32
C TYR A 28 5.62 -10.27 11.00
N LYS A 29 5.28 -10.32 9.72
CA LYS A 29 3.88 -10.10 9.27
C LYS A 29 2.98 -11.22 9.87
N MET A 30 3.45 -12.45 10.00
CA MET A 30 2.51 -13.50 10.50
C MET A 30 2.29 -13.36 11.99
N GLY A 31 3.27 -12.95 12.78
CA GLY A 31 3.04 -12.68 14.21
C GLY A 31 2.21 -11.42 14.41
N GLY A 32 2.46 -10.42 13.59
CA GLY A 32 1.68 -9.18 13.59
C GLY A 32 0.21 -9.48 13.46
N ASP A 33 -0.14 -10.35 12.53
CA ASP A 33 -1.57 -10.65 12.22
C ASP A 33 -2.20 -11.37 13.45
N ILE A 34 -1.41 -12.23 14.10
CA ILE A 34 -1.88 -12.93 15.33
C ILE A 34 -2.05 -11.94 16.49
N ALA A 35 -1.04 -11.11 16.72
CA ALA A 35 -1.10 -10.03 17.73
C ALA A 35 -2.38 -9.23 17.50
N ASN A 36 -2.63 -8.79 16.28
CA ASN A 36 -3.84 -8.00 16.00
C ASN A 36 -5.13 -8.77 16.30
N ARG A 37 -5.16 -10.08 16.04
CA ARG A 37 -6.40 -10.88 16.21
C ARG A 37 -6.67 -11.05 17.72
N VAL A 38 -5.64 -11.44 18.47
CA VAL A 38 -5.75 -11.68 19.94
C VAL A 38 -6.17 -10.35 20.62
N LEU A 39 -5.49 -9.27 20.27
CA LEU A 39 -5.79 -7.97 20.90
C LEU A 39 -7.29 -7.69 20.73
N ARG A 40 -7.77 -7.85 19.50
CA ARG A 40 -9.16 -7.45 19.18
C ARG A 40 -10.14 -8.36 19.95
N SER A 41 -9.85 -9.64 19.96
CA SER A 41 -10.68 -10.60 20.72
C SER A 41 -10.77 -10.17 22.20
N LEU A 42 -9.68 -9.74 22.80
CA LEU A 42 -9.64 -9.32 24.23
C LEU A 42 -10.48 -8.04 24.41
N VAL A 43 -10.39 -7.09 23.49
CA VAL A 43 -11.09 -5.79 23.57
C VAL A 43 -12.60 -6.08 23.53
N GLU A 44 -13.06 -6.93 22.59
CA GLU A 44 -14.47 -7.43 22.47
C GLU A 44 -14.90 -8.16 23.75
N ALA A 45 -14.05 -8.85 24.48
CA ALA A 45 -14.42 -9.60 25.69
C ALA A 45 -14.40 -8.68 26.90
N SER A 46 -14.01 -7.41 26.75
CA SER A 46 -13.80 -6.46 27.88
C SER A 46 -15.11 -5.70 28.17
N SER A 47 -15.79 -6.05 29.24
CA SER A 47 -17.03 -5.32 29.63
C SER A 47 -17.12 -5.38 31.14
N SER A 48 -18.08 -4.66 31.71
CA SER A 48 -18.33 -4.59 33.17
C SER A 48 -18.44 -6.02 33.74
N GLY A 49 -17.75 -6.27 34.84
CA GLY A 49 -17.89 -7.51 35.60
C GLY A 49 -16.97 -8.60 35.12
N VAL A 50 -16.14 -8.32 34.10
CA VAL A 50 -15.19 -9.34 33.56
C VAL A 50 -13.91 -9.36 34.38
N SER A 51 -13.37 -10.56 34.60
CA SER A 51 -12.14 -10.74 35.42
C SER A 51 -10.93 -10.39 34.53
N VAL A 52 -10.04 -9.53 35.01
CA VAL A 52 -8.74 -9.25 34.33
C VAL A 52 -7.92 -10.55 34.29
N LEU A 53 -7.81 -11.25 35.42
CA LEU A 53 -7.09 -12.54 35.44
C LEU A 53 -7.58 -13.35 34.24
N SER A 54 -8.89 -13.50 34.03
CA SER A 54 -9.36 -14.38 32.94
C SER A 54 -8.94 -13.81 31.58
N LEU A 55 -8.89 -12.48 31.40
CA LEU A 55 -8.47 -11.93 30.09
C LEU A 55 -6.96 -12.16 29.91
N CYS A 56 -6.14 -12.02 30.95
CA CYS A 56 -4.71 -12.31 30.82
C CYS A 56 -4.55 -13.78 30.42
N GLU A 57 -5.29 -14.70 31.04
CA GLU A 57 -5.16 -16.17 30.77
C GLU A 57 -5.63 -16.39 29.33
N LYS A 58 -6.72 -15.73 28.96
CA LYS A 58 -7.38 -16.03 27.67
C LYS A 58 -6.49 -15.61 26.49
N GLY A 59 -5.85 -14.44 26.64
CA GLY A 59 -4.88 -13.90 25.67
C GLY A 59 -3.63 -14.74 25.52
N ASP A 60 -3.02 -15.15 26.63
CA ASP A 60 -1.76 -15.94 26.61
C ASP A 60 -2.09 -17.27 25.95
N ALA A 61 -3.23 -17.89 26.31
CA ALA A 61 -3.72 -19.17 25.73
C ALA A 61 -3.96 -19.04 24.22
N MET A 62 -4.50 -17.90 23.82
CA MET A 62 -4.94 -17.66 22.44
C MET A 62 -3.69 -17.34 21.61
N ILE A 63 -2.71 -16.66 22.21
CA ILE A 63 -1.43 -16.47 21.49
C ILE A 63 -0.88 -17.84 21.12
N MET A 64 -0.67 -18.73 22.11
CA MET A 64 -0.14 -20.12 21.98
C MET A 64 -0.95 -20.88 20.93
N GLU A 65 -2.27 -20.87 21.02
CA GLU A 65 -3.09 -21.62 20.04
C GLU A 65 -2.89 -21.13 18.60
N GLU A 66 -2.86 -19.83 18.34
CA GLU A 66 -2.69 -19.26 16.97
C GLU A 66 -1.25 -19.53 16.44
N THR A 67 -0.21 -19.44 17.27
CA THR A 67 1.21 -19.77 16.93
C THR A 67 1.29 -21.28 16.64
N GLY A 68 0.59 -22.12 17.42
CA GLY A 68 0.35 -23.56 17.17
C GLY A 68 -0.07 -23.88 15.74
N LYS A 69 -1.07 -23.19 15.19
CA LYS A 69 -1.70 -23.50 13.88
C LYS A 69 -0.80 -23.12 12.67
N ILE A 70 0.24 -22.29 12.82
CA ILE A 70 1.01 -21.73 11.66
C ILE A 70 2.43 -22.32 11.54
N PHE A 71 2.94 -22.43 10.32
CA PHE A 71 4.34 -22.86 10.02
C PHE A 71 4.49 -24.27 10.65
N LYS A 72 3.52 -25.15 10.42
CA LYS A 72 3.46 -26.51 11.03
C LYS A 72 4.49 -27.41 10.32
N LYS A 73 4.75 -27.14 9.03
CA LYS A 73 5.72 -27.92 8.22
C LYS A 73 7.10 -27.77 8.89
N GLU A 74 7.41 -26.65 9.51
CA GLU A 74 8.75 -26.38 10.12
C GLU A 74 8.69 -26.66 11.64
N LYS A 75 9.16 -27.85 12.05
CA LYS A 75 8.91 -28.41 13.40
C LYS A 75 10.00 -27.97 14.37
N GLU A 76 11.05 -27.30 13.89
CA GLU A 76 12.10 -26.78 14.81
C GLU A 76 11.74 -25.36 15.27
N MET A 77 10.97 -24.58 14.51
CA MET A 77 10.75 -23.13 14.72
C MET A 77 10.10 -22.90 16.09
N LYS A 78 10.75 -22.17 17.00
CA LYS A 78 10.13 -21.74 18.29
C LYS A 78 9.16 -20.59 17.97
N LYS A 79 7.98 -20.56 18.61
CA LYS A 79 6.97 -19.50 18.42
C LYS A 79 6.09 -19.39 19.65
N GLY A 80 5.71 -18.18 20.03
CA GLY A 80 4.73 -17.98 21.10
C GLY A 80 4.67 -16.55 21.54
N ILE A 81 4.46 -16.40 22.84
CA ILE A 81 4.41 -15.14 23.60
C ILE A 81 5.77 -14.49 23.56
N ALA A 82 5.81 -13.23 23.15
CA ALA A 82 6.94 -12.27 23.16
C ALA A 82 6.74 -11.31 24.35
N PHE A 83 5.48 -11.01 24.68
CA PHE A 83 5.15 -10.24 25.91
C PHE A 83 3.83 -10.77 26.41
N PRO A 84 3.78 -11.28 27.65
CA PRO A 84 2.53 -11.83 28.20
C PRO A 84 1.45 -10.75 28.25
N THR A 85 0.21 -11.16 28.06
CA THR A 85 -0.93 -10.24 28.07
C THR A 85 -0.96 -9.51 29.40
N SER A 86 -0.90 -8.18 29.37
CA SER A 86 -0.92 -7.26 30.53
C SER A 86 -2.10 -6.33 30.40
N ILE A 87 -2.81 -6.11 31.49
CA ILE A 87 -4.09 -5.33 31.48
C ILE A 87 -4.03 -4.31 32.61
N SER A 88 -3.72 -3.07 32.27
CA SER A 88 -3.37 -2.03 33.26
C SER A 88 -4.47 -0.97 33.19
N VAL A 89 -5.22 -0.82 34.27
CA VAL A 89 -6.46 0.00 34.25
C VAL A 89 -6.24 1.36 34.93
N ASN A 90 -6.83 2.40 34.33
CA ASN A 90 -6.90 3.77 34.86
C ASN A 90 -5.47 4.27 35.10
N ASN A 91 -5.06 4.46 36.35
CA ASN A 91 -3.79 5.15 36.69
C ASN A 91 -2.64 4.11 36.79
N CYS A 92 -2.96 2.84 36.56
CA CYS A 92 -1.90 1.78 36.49
C CYS A 92 -1.21 1.89 35.12
N VAL A 93 0.11 1.90 35.07
CA VAL A 93 0.85 2.18 33.80
C VAL A 93 0.94 0.94 32.90
N CYS A 94 1.30 -0.21 33.42
CA CYS A 94 1.87 -1.30 32.60
C CYS A 94 2.09 -2.50 33.50
N HIS A 95 2.04 -3.70 32.94
CA HIS A 95 2.75 -4.93 33.40
C HIS A 95 1.90 -5.73 34.41
N PHE A 96 0.62 -5.43 34.55
CA PHE A 96 -0.36 -6.15 35.42
C PHE A 96 -0.78 -7.44 34.70
N SER A 97 -0.14 -8.54 35.02
CA SER A 97 -0.61 -9.92 34.71
C SER A 97 -0.65 -10.62 36.05
N PRO A 98 -1.81 -10.57 36.73
CA PRO A 98 -1.95 -11.16 38.07
C PRO A 98 -1.81 -12.68 38.10
N LEU A 99 -1.31 -13.15 39.24
CA LEU A 99 -1.24 -14.57 39.64
C LEU A 99 -2.63 -15.02 40.06
N LYS A 100 -2.89 -16.34 40.00
CA LYS A 100 -4.16 -16.97 40.46
C LYS A 100 -4.46 -16.54 41.91
N SER A 101 -3.46 -16.27 42.77
CA SER A 101 -3.65 -15.87 44.20
C SER A 101 -3.40 -14.38 44.54
N ASP A 102 -3.05 -13.51 43.58
CA ASP A 102 -3.07 -12.03 43.84
C ASP A 102 -4.55 -11.60 43.88
N GLN A 103 -4.87 -10.45 44.42
CA GLN A 103 -6.24 -9.90 44.22
C GLN A 103 -6.45 -9.66 42.71
N ASP A 104 -7.61 -10.07 42.19
CA ASP A 104 -8.05 -9.84 40.79
C ASP A 104 -8.51 -8.40 40.66
N TYR A 105 -8.69 -7.90 39.44
CA TYR A 105 -9.36 -6.60 39.26
C TYR A 105 -10.53 -6.87 38.32
N ILE A 106 -11.66 -6.25 38.59
CA ILE A 106 -12.92 -6.46 37.85
C ILE A 106 -13.19 -5.17 37.09
N LEU A 107 -13.36 -5.28 35.79
CA LEU A 107 -13.60 -4.09 34.96
C LEU A 107 -14.94 -3.49 35.38
N LYS A 108 -14.94 -2.20 35.71
CA LYS A 108 -16.11 -1.33 35.89
C LYS A 108 -16.39 -0.54 34.61
N GLU A 109 -17.64 -0.23 34.32
CA GLU A 109 -18.08 0.76 33.30
C GLU A 109 -17.29 2.05 33.41
N GLY A 110 -16.72 2.57 32.30
CA GLY A 110 -15.94 3.82 32.25
C GLY A 110 -14.46 3.64 32.63
N ASP A 111 -14.09 2.47 33.13
CA ASP A 111 -12.68 2.11 33.36
C ASP A 111 -11.93 2.35 32.04
N LEU A 112 -10.75 2.96 32.15
CA LEU A 112 -9.84 3.13 30.99
C LEU A 112 -8.91 1.92 30.98
N VAL A 113 -8.91 1.12 29.91
CA VAL A 113 -8.16 -0.18 29.90
C VAL A 113 -7.03 -0.13 28.86
N LYS A 114 -5.82 -0.48 29.30
CA LYS A 114 -4.65 -0.65 28.40
C LYS A 114 -4.41 -2.14 28.29
N ILE A 115 -4.47 -2.68 27.09
CA ILE A 115 -4.05 -4.09 26.81
C ILE A 115 -2.75 -4.07 26.00
N ASP A 116 -1.77 -4.77 26.53
CA ASP A 116 -0.38 -4.88 26.02
C ASP A 116 -0.07 -6.36 25.84
N LEU A 117 0.41 -6.77 24.67
CA LEU A 117 0.86 -8.16 24.41
C LEU A 117 1.78 -8.22 23.21
N GLY A 118 2.51 -9.34 23.11
CA GLY A 118 3.51 -9.63 22.07
C GLY A 118 3.50 -11.09 21.66
N VAL A 119 3.74 -11.30 20.39
CA VAL A 119 3.82 -12.62 19.72
C VAL A 119 5.15 -12.68 19.00
N HIS A 120 5.77 -13.86 18.91
CA HIS A 120 6.99 -14.03 18.09
C HIS A 120 6.91 -15.32 17.30
N VAL A 121 7.58 -15.29 16.18
CA VAL A 121 7.73 -16.37 15.18
C VAL A 121 9.21 -16.39 14.84
N ASP A 122 9.90 -17.45 15.28
CA ASP A 122 11.35 -17.70 15.10
C ASP A 122 12.10 -16.54 15.74
N GLY A 123 11.56 -15.95 16.80
CA GLY A 123 12.17 -14.82 17.51
C GLY A 123 11.88 -13.46 16.87
N PHE A 124 11.17 -13.33 15.75
CA PHE A 124 10.82 -11.98 15.25
C PHE A 124 9.57 -11.53 16.01
N ILE A 125 9.66 -10.37 16.68
CA ILE A 125 8.72 -9.96 17.77
C ILE A 125 7.67 -9.00 17.18
N ALA A 126 6.38 -9.24 17.44
CA ALA A 126 5.27 -8.32 17.08
C ALA A 126 4.57 -7.88 18.37
N ASN A 127 4.87 -6.66 18.83
CA ASN A 127 4.38 -6.06 20.09
C ASN A 127 3.25 -5.12 19.69
N VAL A 128 2.18 -5.13 20.47
CA VAL A 128 1.00 -4.27 20.23
C VAL A 128 0.43 -3.83 21.58
N ALA A 129 -0.04 -2.58 21.70
CA ALA A 129 -0.85 -2.19 22.90
C ALA A 129 -1.88 -1.22 22.45
N HIS A 130 -3.03 -1.27 23.06
CA HIS A 130 -4.19 -0.42 22.72
C HIS A 130 -4.89 0.06 24.00
N THR A 131 -5.53 1.21 23.94
CA THR A 131 -6.30 1.77 25.07
C THR A 131 -7.74 1.97 24.62
N PHE A 132 -8.69 1.62 25.49
CA PHE A 132 -10.13 1.89 25.26
C PHE A 132 -10.83 2.09 26.62
N VAL A 133 -12.13 2.34 26.55
CA VAL A 133 -13.03 2.53 27.72
C VAL A 133 -14.13 1.46 27.69
N VAL A 134 -14.24 0.75 28.81
CA VAL A 134 -15.28 -0.27 29.12
C VAL A 134 -16.71 0.29 28.95
N ASP A 135 -17.49 -0.40 28.13
CA ASP A 135 -18.96 -0.27 27.91
C ASP A 135 -19.28 1.22 27.76
N VAL A 136 -18.66 1.87 26.81
CA VAL A 136 -19.10 3.22 26.38
C VAL A 136 -20.51 3.05 25.81
N ALA A 137 -21.48 3.79 26.34
CA ALA A 137 -22.88 3.79 25.86
C ALA A 137 -22.92 4.20 24.39
N GLN A 138 -23.64 3.42 23.59
CA GLN A 138 -23.90 3.59 22.13
C GLN A 138 -24.38 5.03 21.86
N GLY A 139 -23.76 5.73 20.89
CA GLY A 139 -24.09 7.11 20.50
C GLY A 139 -23.45 8.16 21.39
N THR A 140 -22.67 7.79 22.40
CA THR A 140 -21.94 8.77 23.22
C THR A 140 -20.48 8.83 22.75
N GLN A 141 -19.81 9.82 23.33
CA GLN A 141 -18.38 10.14 23.19
C GLN A 141 -17.76 10.15 24.57
N VAL A 142 -16.55 9.62 24.70
CA VAL A 142 -15.75 9.83 25.91
C VAL A 142 -15.32 11.30 25.94
N THR A 143 -15.34 11.94 27.10
CA THR A 143 -15.04 13.38 27.21
C THR A 143 -14.14 13.56 28.41
N GLY A 144 -13.74 14.79 28.69
CA GLY A 144 -12.88 15.08 29.85
C GLY A 144 -11.53 14.38 29.77
N ARG A 145 -10.97 14.00 30.92
CA ARG A 145 -9.51 13.70 30.98
C ARG A 145 -9.21 12.36 30.30
N LYS A 146 -10.13 11.42 30.26
CA LYS A 146 -9.97 10.15 29.50
C LYS A 146 -9.82 10.55 28.04
N ALA A 147 -10.70 11.39 27.54
CA ALA A 147 -10.66 11.80 26.11
C ALA A 147 -9.31 12.49 25.85
N ASP A 148 -8.94 13.47 26.69
CA ASP A 148 -7.70 14.26 26.56
C ASP A 148 -6.49 13.31 26.53
N VAL A 149 -6.41 12.31 27.42
CA VAL A 149 -5.14 11.56 27.50
C VAL A 149 -5.07 10.51 26.37
N ILE A 150 -6.20 9.93 25.98
CA ILE A 150 -6.30 8.92 24.87
C ILE A 150 -6.01 9.63 23.56
N LYS A 151 -6.66 10.75 23.31
CA LYS A 151 -6.48 11.59 22.11
C LYS A 151 -4.99 11.92 22.05
N ALA A 152 -4.44 12.37 23.17
CA ALA A 152 -3.02 12.77 23.21
C ALA A 152 -2.14 11.57 22.92
N ALA A 153 -2.40 10.42 23.53
CA ALA A 153 -1.48 9.28 23.33
C ALA A 153 -1.63 8.84 21.87
N HIS A 154 -2.81 8.98 21.29
CA HIS A 154 -3.03 8.47 19.91
C HIS A 154 -2.25 9.34 18.91
N LEU A 155 -2.27 10.63 19.12
CA LEU A 155 -1.59 11.60 18.23
C LEU A 155 -0.08 11.49 18.44
N CYS A 156 0.38 11.13 19.63
CA CYS A 156 1.80 10.79 19.85
C CYS A 156 2.15 9.58 18.97
N ALA A 157 1.31 8.54 18.90
CA ALA A 157 1.55 7.34 18.04
C ALA A 157 1.49 7.75 16.57
N GLU A 158 0.59 8.62 16.19
CA GLU A 158 0.55 9.14 14.81
C GLU A 158 1.82 9.94 14.54
N ALA A 159 2.29 10.81 15.42
CA ALA A 159 3.48 11.59 15.07
C ALA A 159 4.69 10.64 14.95
N ALA A 160 4.79 9.59 15.75
CA ALA A 160 5.95 8.65 15.72
C ALA A 160 5.86 7.82 14.44
N LEU A 161 4.69 7.36 14.07
CA LEU A 161 4.56 6.64 12.77
C LEU A 161 5.10 7.53 11.62
N ARG A 162 5.04 8.85 11.73
CA ARG A 162 5.44 9.71 10.61
C ARG A 162 6.88 10.18 10.81
N LEU A 163 7.42 10.09 12.02
CA LEU A 163 8.79 10.62 12.31
C LEU A 163 9.81 9.48 12.43
N VAL A 164 9.42 8.26 12.83
CA VAL A 164 10.37 7.12 12.97
C VAL A 164 10.60 6.55 11.58
N LYS A 165 11.54 7.14 10.84
CA LYS A 165 11.87 6.72 9.46
C LYS A 165 13.35 7.00 9.23
N PRO A 166 13.98 6.33 8.25
CA PRO A 166 15.42 6.45 8.03
C PRO A 166 15.85 7.89 7.82
N GLY A 167 16.87 8.34 8.53
CA GLY A 167 17.44 9.69 8.39
C GLY A 167 17.03 10.56 9.53
N ASN A 168 15.96 10.22 10.23
CA ASN A 168 15.49 11.09 11.32
C ASN A 168 16.24 10.63 12.57
N GLN A 169 16.21 11.40 13.63
CA GLN A 169 16.81 11.12 14.95
C GLN A 169 15.72 10.76 15.96
N ASN A 170 16.02 9.86 16.89
CA ASN A 170 15.12 9.57 18.03
C ASN A 170 14.80 10.86 18.79
N THR A 171 15.71 11.81 18.89
CA THR A 171 15.45 13.07 19.62
C THR A 171 14.24 13.85 19.02
N GLN A 172 14.03 13.84 17.70
CA GLN A 172 12.94 14.64 17.08
C GLN A 172 11.59 14.04 17.52
N VAL A 173 11.56 12.73 17.80
CA VAL A 173 10.28 12.07 18.20
C VAL A 173 10.04 12.46 19.66
N THR A 174 11.09 12.45 20.50
CA THR A 174 10.99 12.77 21.94
C THR A 174 10.34 14.14 22.09
N GLU A 175 10.77 15.10 21.28
CA GLU A 175 10.28 16.49 21.28
C GLU A 175 8.85 16.63 20.70
N ALA A 176 8.57 15.95 19.60
CA ALA A 176 7.23 15.96 18.99
C ALA A 176 6.26 15.47 20.07
N TRP A 177 6.63 14.41 20.78
CA TRP A 177 5.73 13.80 21.77
C TRP A 177 5.38 14.80 22.87
N ASN A 178 6.35 15.59 23.30
CA ASN A 178 6.09 16.55 24.41
C ASN A 178 5.15 17.63 23.90
N LYS A 179 5.36 18.18 22.69
CA LYS A 179 4.52 19.29 22.18
C LYS A 179 3.08 18.80 21.95
N VAL A 180 2.92 17.57 21.49
CA VAL A 180 1.59 16.95 21.26
C VAL A 180 0.86 16.73 22.60
N ALA A 181 1.50 16.04 23.53
CA ALA A 181 0.96 15.71 24.84
C ALA A 181 0.61 17.00 25.61
N HIS A 182 1.55 17.94 25.69
CA HIS A 182 1.30 19.29 26.26
C HIS A 182 0.04 19.94 25.67
N SER A 183 -0.29 19.75 24.38
CA SER A 183 -1.46 20.36 23.74
C SER A 183 -2.75 19.95 24.48
N PHE A 184 -2.77 18.78 25.11
CA PHE A 184 -3.93 18.26 25.88
C PHE A 184 -3.68 18.46 27.40
N ASN A 185 -2.72 19.31 27.76
CA ASN A 185 -2.19 19.37 29.15
C ASN A 185 -2.02 17.94 29.64
N CYS A 186 -1.46 17.04 28.83
CA CYS A 186 -0.97 15.71 29.34
C CYS A 186 0.54 15.64 29.23
N THR A 187 1.10 14.58 29.78
CA THR A 187 2.56 14.48 29.98
C THR A 187 2.99 13.06 29.66
N PRO A 188 3.94 12.86 28.72
CA PRO A 188 4.48 11.54 28.44
C PRO A 188 5.15 11.13 29.74
N ILE A 189 4.99 9.86 30.14
CA ILE A 189 5.61 9.33 31.39
C ILE A 189 7.14 9.40 31.25
N GLU A 190 7.81 10.00 32.25
CA GLU A 190 9.27 10.26 32.32
C GLU A 190 10.07 8.98 32.03
N GLY A 191 10.96 9.00 31.04
CA GLY A 191 12.01 7.99 30.90
C GLY A 191 11.59 6.69 30.23
N MET A 192 10.32 6.47 29.87
CA MET A 192 9.93 5.20 29.17
C MET A 192 10.64 5.11 27.83
N LEU A 193 10.88 3.89 27.36
CA LEU A 193 11.75 3.58 26.21
C LEU A 193 10.99 2.75 25.15
N SER A 194 11.14 3.14 23.89
CA SER A 194 10.68 2.41 22.70
C SER A 194 11.94 1.73 22.16
N HIS A 195 12.00 0.40 22.22
CA HIS A 195 13.21 -0.34 21.79
C HIS A 195 13.19 -0.76 20.30
N GLN A 196 14.38 -0.76 19.70
CA GLN A 196 14.71 -1.53 18.48
C GLN A 196 14.52 -3.00 18.81
N LEU A 197 13.96 -3.74 17.85
CA LEU A 197 13.76 -5.20 17.94
C LEU A 197 14.79 -5.82 17.00
N LYS A 198 15.24 -7.01 17.34
CA LYS A 198 16.08 -7.89 16.51
C LYS A 198 15.63 -9.31 16.79
N GLN A 199 16.07 -10.29 16.00
CA GLN A 199 15.76 -11.72 16.28
C GLN A 199 16.01 -12.03 17.78
N HIS A 200 15.01 -12.51 18.52
CA HIS A 200 15.24 -13.01 19.92
C HIS A 200 15.56 -11.89 20.93
N VAL A 201 15.45 -10.61 20.53
CA VAL A 201 15.83 -9.40 21.35
C VAL A 201 14.67 -8.38 21.31
N ILE A 202 13.96 -8.25 22.43
CA ILE A 202 12.79 -7.36 22.60
C ILE A 202 13.29 -5.98 23.01
N ASP A 203 14.54 -5.84 23.43
CA ASP A 203 14.98 -4.70 24.30
C ASP A 203 16.30 -4.11 23.76
N GLY A 204 16.49 -4.19 22.44
CA GLY A 204 17.52 -3.48 21.67
C GLY A 204 17.88 -2.17 22.31
N GLU A 205 19.15 -1.77 22.16
CA GLU A 205 19.78 -0.67 22.94
C GLU A 205 19.61 0.67 22.17
N LYS A 206 19.38 0.64 20.86
CA LYS A 206 18.90 1.84 20.11
C LYS A 206 17.47 2.16 20.55
N THR A 207 17.24 3.31 21.20
CA THR A 207 15.93 3.61 21.81
C THR A 207 15.44 5.03 21.52
N ILE A 208 14.12 5.17 21.66
CA ILE A 208 13.44 6.49 21.77
C ILE A 208 13.01 6.65 23.22
N ILE A 209 13.36 7.79 23.83
CA ILE A 209 13.02 8.04 25.26
C ILE A 209 11.84 9.03 25.30
N GLN A 210 10.90 8.80 26.21
CA GLN A 210 9.81 9.77 26.45
C GLN A 210 10.31 10.78 27.48
N ASN A 211 10.11 12.07 27.21
CA ASN A 211 10.02 13.11 28.26
C ASN A 211 11.13 12.90 29.27
N PRO A 212 12.39 12.80 28.84
CA PRO A 212 13.47 12.45 29.76
C PRO A 212 13.76 13.65 30.66
N THR A 213 14.12 13.38 31.92
CA THR A 213 14.73 14.33 32.89
C THR A 213 16.07 14.79 32.34
N ASP A 214 16.80 15.59 33.09
CA ASP A 214 18.13 16.09 32.66
C ASP A 214 19.13 14.94 32.77
N GLN A 215 19.03 14.16 33.84
CA GLN A 215 19.89 12.97 34.05
C GLN A 215 19.61 12.03 32.86
N GLN A 216 18.35 11.74 32.59
CA GLN A 216 18.02 10.71 31.58
C GLN A 216 18.52 11.18 30.22
N LYS A 217 18.45 12.49 29.94
CA LYS A 217 18.81 13.14 28.63
C LYS A 217 20.31 12.97 28.39
N LYS A 218 21.13 13.20 29.42
CA LYS A 218 22.61 12.96 29.44
C LYS A 218 22.91 11.47 29.22
N ASP A 219 22.39 10.58 30.06
CA ASP A 219 22.63 9.11 30.00
C ASP A 219 22.02 8.42 28.76
N HIS A 220 21.04 9.00 28.07
CA HIS A 220 20.40 8.33 26.91
C HIS A 220 21.18 8.70 25.67
N GLU A 221 21.30 7.80 24.69
CA GLU A 221 22.14 8.03 23.48
C GLU A 221 21.29 8.59 22.33
N LYS A 222 21.67 9.73 21.77
CA LYS A 222 21.12 10.22 20.48
C LYS A 222 21.37 9.14 19.43
N ALA A 223 20.39 8.80 18.60
CA ALA A 223 20.53 7.83 17.48
C ALA A 223 19.74 8.28 16.23
N GLU A 224 20.17 7.82 15.07
CA GLU A 224 19.51 8.02 13.77
C GLU A 224 18.87 6.72 13.32
N PHE A 225 17.60 6.73 12.96
CA PHE A 225 16.92 5.51 12.42
C PHE A 225 17.52 5.19 11.05
N GLU A 226 17.59 3.91 10.70
CA GLU A 226 18.16 3.46 9.42
C GLU A 226 17.18 2.45 8.81
N VAL A 227 17.09 2.47 7.48
CA VAL A 227 16.39 1.42 6.71
C VAL A 227 16.81 0.04 7.23
N HIS A 228 15.85 -0.89 7.28
CA HIS A 228 16.00 -2.31 7.74
C HIS A 228 15.95 -2.43 9.27
N GLU A 229 15.72 -1.35 10.01
CA GLU A 229 15.54 -1.51 11.47
C GLU A 229 14.06 -1.73 11.75
N VAL A 230 13.76 -2.35 12.88
CA VAL A 230 12.39 -2.64 13.38
C VAL A 230 12.30 -2.00 14.77
N TYR A 231 11.22 -1.24 15.04
CA TYR A 231 10.89 -0.65 16.38
C TYR A 231 9.50 -1.05 16.94
N ALA A 232 9.50 -1.33 18.22
CA ALA A 232 8.26 -1.39 19.00
C ALA A 232 8.09 0.00 19.59
N VAL A 233 7.40 0.89 18.90
CA VAL A 233 7.09 2.23 19.46
C VAL A 233 6.02 2.08 20.54
N ASP A 234 6.31 2.60 21.73
CA ASP A 234 5.49 2.45 22.95
C ASP A 234 5.24 3.84 23.55
N VAL A 235 4.02 4.34 23.32
CA VAL A 235 3.55 5.64 23.82
C VAL A 235 2.78 5.43 25.13
N LEU A 236 3.23 6.02 26.22
CA LEU A 236 2.49 6.02 27.51
C LEU A 236 2.35 7.48 27.94
N VAL A 237 1.12 8.00 27.96
CA VAL A 237 0.82 9.41 28.34
C VAL A 237 -0.11 9.43 29.56
N SER A 238 0.19 10.36 30.46
CA SER A 238 -0.49 10.56 31.74
C SER A 238 -1.31 11.81 31.70
N SER A 239 -2.46 11.81 32.38
CA SER A 239 -3.25 13.04 32.57
C SER A 239 -2.59 13.88 33.69
N GLY A 240 -1.75 13.26 34.52
CA GLY A 240 -1.07 13.90 35.65
C GLY A 240 0.35 14.34 35.32
N GLU A 241 1.19 14.40 36.37
CA GLU A 241 2.62 14.77 36.29
C GLU A 241 3.44 13.81 35.41
N GLY A 242 3.04 12.54 35.32
CA GLY A 242 3.77 11.53 34.54
C GLY A 242 5.09 11.11 35.16
N LYS A 243 5.16 10.82 36.46
CA LYS A 243 6.28 9.99 37.03
C LYS A 243 5.63 8.77 37.66
N ALA A 244 5.79 7.62 37.07
CA ALA A 244 5.25 6.36 37.61
C ALA A 244 6.04 5.96 38.88
N LYS A 245 5.36 5.55 39.94
CA LYS A 245 5.97 5.03 41.21
C LYS A 245 5.55 3.56 41.43
N ASP A 246 6.42 2.75 42.05
CA ASP A 246 5.96 1.47 42.67
C ASP A 246 4.90 1.76 43.74
N ALA A 247 3.95 0.86 43.97
CA ALA A 247 2.97 1.01 45.09
C ALA A 247 2.71 -0.35 45.75
N GLY A 248 3.78 -1.14 45.90
CA GLY A 248 3.78 -2.54 46.37
C GLY A 248 2.76 -3.45 45.67
N GLN A 249 2.44 -3.28 44.39
CA GLN A 249 1.81 -4.41 43.64
C GLN A 249 2.98 -5.37 43.42
N ARG A 250 2.70 -6.67 43.48
CA ARG A 250 3.71 -7.72 43.17
C ARG A 250 3.90 -7.78 41.66
N THR A 251 5.17 -7.59 41.27
CA THR A 251 5.77 -7.95 39.97
C THR A 251 5.50 -9.42 39.69
N THR A 252 4.87 -9.72 38.55
CA THR A 252 4.70 -11.07 38.00
C THR A 252 5.53 -11.27 36.72
N ILE A 253 5.94 -10.21 36.04
CA ILE A 253 6.59 -10.35 34.71
C ILE A 253 8.09 -10.14 34.86
N TYR A 254 8.83 -11.09 34.31
CA TYR A 254 10.31 -11.08 34.31
C TYR A 254 10.81 -11.41 32.91
N LYS A 255 12.05 -11.00 32.61
CA LYS A 255 12.80 -11.42 31.38
C LYS A 255 14.10 -12.09 31.83
N ARG A 256 14.57 -13.19 31.22
CA ARG A 256 15.98 -13.55 31.53
C ARG A 256 16.87 -12.46 30.94
N ASP A 257 17.96 -12.06 31.59
CA ASP A 257 19.03 -11.16 31.04
C ASP A 257 20.24 -11.97 30.55
N PRO A 258 20.41 -12.16 29.23
CA PRO A 258 21.48 -13.02 28.71
C PRO A 258 22.89 -12.52 29.07
N SER A 259 23.02 -11.24 29.41
CA SER A 259 24.31 -10.51 29.60
C SER A 259 24.92 -10.85 30.97
N LYS A 260 24.24 -11.66 31.77
CA LYS A 260 24.59 -11.87 33.18
C LYS A 260 24.64 -13.37 33.46
N GLN A 261 25.82 -13.85 33.86
CA GLN A 261 26.14 -15.20 34.40
C GLN A 261 26.15 -15.09 35.92
N TYR A 262 25.70 -16.09 36.63
CA TYR A 262 26.08 -16.24 38.04
C TYR A 262 25.56 -17.61 38.45
N GLY A 263 26.47 -18.51 38.81
CA GLY A 263 26.14 -19.88 39.24
C GLY A 263 25.30 -19.80 40.50
N LEU A 264 24.16 -20.48 40.54
CA LEU A 264 23.15 -20.28 41.61
C LEU A 264 23.37 -21.29 42.73
N LYS A 265 23.74 -20.79 43.91
CA LYS A 265 23.93 -21.58 45.14
C LYS A 265 22.53 -22.05 45.61
N MET A 266 21.96 -23.05 44.91
CA MET A 266 20.79 -23.81 45.41
C MET A 266 20.45 -24.94 44.43
N LYS A 267 19.31 -25.59 44.68
CA LYS A 267 18.75 -26.73 43.91
C LYS A 267 17.51 -26.21 43.15
N THR A 268 16.53 -25.61 43.87
CA THR A 268 15.25 -25.05 43.35
C THR A 268 15.53 -23.94 42.32
N SER A 269 16.39 -22.99 42.67
CA SER A 269 16.84 -21.82 41.89
C SER A 269 17.41 -22.29 40.55
N ARG A 270 18.35 -23.24 40.56
CA ARG A 270 19.03 -23.74 39.31
C ARG A 270 17.95 -24.37 38.43
N ALA A 271 16.86 -24.85 39.06
CA ALA A 271 15.80 -25.71 38.47
C ALA A 271 14.67 -24.85 37.88
N PHE A 272 14.30 -23.77 38.58
CA PHE A 272 13.40 -22.68 38.10
C PHE A 272 14.09 -21.93 36.97
N PHE A 273 15.28 -21.35 37.18
CA PHE A 273 16.05 -20.64 36.10
C PHE A 273 16.36 -21.59 34.93
N SER A 274 16.07 -22.89 35.03
CA SER A 274 16.31 -23.86 33.91
C SER A 274 15.04 -24.00 33.08
N GLU A 275 13.87 -24.01 33.75
CA GLU A 275 12.51 -23.95 33.12
C GLU A 275 12.29 -22.58 32.45
N VAL A 276 12.83 -21.49 33.00
CA VAL A 276 12.78 -20.14 32.36
C VAL A 276 13.51 -20.19 31.00
N GLU A 277 14.66 -20.87 30.95
CA GLU A 277 15.48 -20.93 29.71
C GLU A 277 14.81 -21.81 28.65
N ARG A 278 14.24 -22.95 29.04
CA ARG A 278 13.62 -23.95 28.12
C ARG A 278 12.32 -23.36 27.56
N ARG A 279 11.44 -22.90 28.45
CA ARG A 279 10.03 -22.57 28.13
C ARG A 279 9.96 -21.18 27.51
N PHE A 280 10.97 -20.31 27.71
CA PHE A 280 10.84 -18.87 27.39
C PHE A 280 12.09 -18.27 26.69
N ASP A 281 13.26 -18.92 26.78
CA ASP A 281 14.60 -18.32 26.54
C ASP A 281 14.57 -16.86 27.01
N ALA A 282 14.78 -15.90 26.08
CA ALA A 282 15.06 -14.46 26.35
C ALA A 282 13.79 -13.57 26.31
N MET A 283 12.60 -14.15 26.16
CA MET A 283 11.33 -13.39 26.16
C MET A 283 10.79 -13.26 27.59
N PRO A 284 10.12 -12.12 27.87
CA PRO A 284 9.33 -11.98 29.08
C PRO A 284 8.20 -13.01 29.18
N PHE A 285 7.81 -13.26 30.43
CA PHE A 285 6.98 -14.40 30.85
C PHE A 285 6.29 -13.89 32.10
N THR A 286 5.09 -14.38 32.42
CA THR A 286 4.43 -14.07 33.72
C THR A 286 4.63 -15.26 34.67
N LEU A 287 4.77 -15.01 35.97
CA LEU A 287 4.98 -16.08 36.99
C LEU A 287 3.72 -16.93 37.02
N ARG A 288 2.59 -16.41 36.54
CA ARG A 288 1.33 -17.19 36.43
C ARG A 288 1.47 -18.39 35.49
N ALA A 289 2.30 -18.31 34.45
CA ALA A 289 2.44 -19.39 33.43
C ALA A 289 3.00 -20.65 34.10
N PHE A 290 3.35 -20.60 35.38
CA PHE A 290 4.02 -21.72 36.09
C PHE A 290 2.99 -22.57 36.84
N GLU A 291 2.80 -23.84 36.39
CA GLU A 291 1.86 -24.88 36.92
C GLU A 291 1.71 -24.75 38.45
N ASP A 292 2.82 -24.67 39.18
CA ASP A 292 2.89 -24.74 40.66
C ASP A 292 3.29 -23.36 41.20
N GLU A 293 2.32 -22.60 41.69
CA GLU A 293 2.53 -21.14 41.98
C GLU A 293 3.65 -20.99 43.01
N LYS A 294 3.37 -21.33 44.28
CA LYS A 294 4.29 -21.24 45.46
C LYS A 294 5.72 -21.65 45.08
N LYS A 295 5.92 -22.59 44.15
CA LYS A 295 7.29 -23.06 43.78
C LYS A 295 8.01 -22.00 42.93
N ALA A 296 7.32 -21.42 41.95
CA ALA A 296 7.86 -20.33 41.11
C ALA A 296 8.18 -19.11 41.96
N ARG A 297 7.24 -18.69 42.83
CA ARG A 297 7.36 -17.54 43.77
C ARG A 297 8.69 -17.60 44.54
N MET A 298 9.25 -18.81 44.74
CA MET A 298 10.47 -19.12 45.54
C MET A 298 11.72 -19.08 44.66
N GLY A 299 11.70 -19.85 43.56
CA GLY A 299 12.78 -19.89 42.55
C GLY A 299 13.11 -18.53 41.96
N VAL A 300 12.18 -17.60 42.01
CA VAL A 300 12.42 -16.25 41.44
C VAL A 300 13.36 -15.46 42.38
N VAL A 301 13.19 -15.53 43.69
CA VAL A 301 13.86 -14.54 44.60
C VAL A 301 15.38 -14.65 44.41
N GLU A 302 15.97 -15.85 44.52
CA GLU A 302 17.44 -16.01 44.32
C GLU A 302 17.79 -15.31 43.01
N CYS A 303 17.20 -15.76 41.90
CA CYS A 303 17.53 -15.30 40.51
C CYS A 303 17.43 -13.77 40.36
N ALA A 304 16.36 -13.15 40.89
CA ALA A 304 16.02 -11.72 40.68
C ALA A 304 17.02 -10.83 41.41
N LYS A 305 17.48 -11.25 42.59
CA LYS A 305 18.37 -10.37 43.40
C LYS A 305 19.75 -10.31 42.73
N HIS A 306 20.21 -11.37 42.04
CA HIS A 306 21.54 -11.37 41.36
C HIS A 306 21.39 -11.05 39.87
N GLU A 307 20.20 -10.59 39.48
CA GLU A 307 19.96 -9.79 38.24
C GLU A 307 19.98 -10.69 37.00
N LEU A 308 19.80 -12.00 37.15
CA LEU A 308 19.70 -12.93 36.00
C LEU A 308 18.36 -12.77 35.32
N LEU A 309 17.36 -12.41 36.11
CA LEU A 309 16.02 -11.98 35.71
C LEU A 309 15.91 -10.49 36.01
N GLN A 310 15.27 -9.81 35.06
CA GLN A 310 15.08 -8.35 34.97
C GLN A 310 13.59 -8.18 35.22
N PRO A 311 13.19 -7.45 36.26
CA PRO A 311 11.78 -7.29 36.57
C PRO A 311 11.04 -6.29 35.65
N PHE A 312 9.74 -6.54 35.40
CA PHE A 312 8.77 -5.62 34.77
C PHE A 312 7.72 -5.24 35.81
N ASN A 313 8.08 -4.21 36.55
CA ASN A 313 7.34 -3.74 37.73
C ASN A 313 6.05 -3.06 37.29
N VAL A 314 5.08 -3.09 38.18
CA VAL A 314 3.74 -2.47 38.01
C VAL A 314 3.86 -1.11 38.66
N LEU A 315 3.85 -0.08 37.85
CA LEU A 315 3.92 1.32 38.30
C LEU A 315 2.54 1.93 38.16
N TYR A 316 2.31 2.98 38.95
CA TYR A 316 1.03 3.71 39.07
C TYR A 316 1.33 5.21 38.95
N GLU A 317 0.44 5.90 38.29
CA GLU A 317 0.35 7.36 38.42
C GLU A 317 -0.58 7.64 39.63
N LYS A 318 -0.71 8.91 40.04
CA LYS A 318 -1.47 9.30 41.26
C LYS A 318 -2.95 8.99 41.00
N GLU A 319 -3.62 8.46 42.04
CA GLU A 319 -5.07 8.11 42.03
C GLU A 319 -5.89 9.22 41.33
N GLY A 320 -6.82 8.84 40.44
CA GLY A 320 -7.80 9.72 39.77
C GLY A 320 -7.41 10.10 38.35
N GLU A 321 -6.09 10.09 38.12
CA GLU A 321 -5.40 10.34 36.84
C GLU A 321 -5.46 9.07 35.99
N PHE A 322 -5.40 9.27 34.69
CA PHE A 322 -5.43 8.23 33.66
C PHE A 322 -4.11 8.15 32.95
N VAL A 323 -3.71 6.93 32.60
CA VAL A 323 -2.60 6.64 31.66
C VAL A 323 -3.13 5.89 30.44
N ALA A 324 -2.90 6.45 29.26
CA ALA A 324 -3.22 5.86 27.95
C ALA A 324 -1.96 5.32 27.28
N GLN A 325 -2.11 4.29 26.44
CA GLN A 325 -1.00 3.58 25.76
C GLN A 325 -1.34 3.23 24.31
N PHE A 326 -0.44 3.54 23.41
CA PHE A 326 -0.50 2.88 22.10
C PHE A 326 0.92 2.42 21.81
N LYS A 327 1.04 1.13 21.56
CA LYS A 327 2.29 0.50 21.10
C LYS A 327 2.01 -0.21 19.77
N PHE A 328 2.86 0.01 18.78
CA PHE A 328 2.82 -0.61 17.44
C PHE A 328 4.25 -1.02 17.06
N THR A 329 4.35 -2.10 16.32
CA THR A 329 5.63 -2.59 15.76
C THR A 329 5.67 -2.13 14.31
N VAL A 330 6.76 -1.45 13.91
CA VAL A 330 6.91 -0.82 12.56
C VAL A 330 8.25 -1.31 11.98
N LEU A 331 8.28 -1.64 10.70
CA LEU A 331 9.47 -2.10 9.93
C LEU A 331 9.85 -0.98 8.96
N LEU A 332 11.07 -0.49 9.03
CA LEU A 332 11.55 0.66 8.23
C LEU A 332 11.94 0.03 6.90
N MET A 333 10.92 -0.24 6.12
CA MET A 333 11.09 -0.78 4.77
C MET A 333 11.57 0.37 3.91
N PRO A 334 12.27 0.06 2.80
CA PRO A 334 12.57 1.06 1.78
C PRO A 334 11.39 1.98 1.40
N ASN A 335 10.19 1.44 1.09
CA ASN A 335 8.99 2.16 0.53
C ASN A 335 8.44 3.10 1.59
N GLY A 336 8.80 2.88 2.85
CA GLY A 336 8.36 3.71 3.99
C GLY A 336 8.05 2.84 5.19
N PRO A 337 7.85 3.44 6.36
CA PRO A 337 7.58 2.67 7.59
C PRO A 337 6.37 1.77 7.31
N MET A 338 6.45 0.51 7.70
CA MET A 338 5.33 -0.43 7.48
C MET A 338 4.89 -0.98 8.84
N ARG A 339 3.75 -0.47 9.31
CA ARG A 339 3.14 -0.82 10.61
C ARG A 339 2.55 -2.25 10.51
N ILE A 340 2.87 -3.18 11.42
CA ILE A 340 2.36 -4.59 11.32
C ILE A 340 1.45 -4.97 12.50
N THR A 341 1.34 -4.13 13.52
CA THR A 341 0.36 -4.26 14.61
C THR A 341 -0.27 -2.88 14.83
N SER A 342 -1.43 -2.86 15.47
CA SER A 342 -2.22 -1.66 15.81
C SER A 342 -3.55 -2.09 16.46
N GLY A 343 -4.18 -1.21 17.24
CA GLY A 343 -5.44 -1.53 17.93
C GLY A 343 -6.59 -0.95 17.13
N PRO A 344 -7.82 -1.30 17.46
CA PRO A 344 -8.96 -0.76 16.71
C PRO A 344 -9.37 0.61 17.25
N PHE A 345 -8.53 1.59 16.97
CA PHE A 345 -8.81 2.97 17.43
C PHE A 345 -9.87 3.57 16.52
N GLU A 346 -10.76 4.35 17.09
CA GLU A 346 -11.91 5.06 16.46
C GLU A 346 -11.83 6.52 16.87
N PRO A 347 -11.22 7.39 16.05
CA PRO A 347 -10.99 8.77 16.49
C PRO A 347 -12.25 9.57 16.95
N ASP A 348 -13.42 9.28 16.38
CA ASP A 348 -14.69 10.05 16.56
C ASP A 348 -15.32 9.78 17.94
N LEU A 349 -14.81 8.79 18.66
CA LEU A 349 -15.38 8.32 19.93
C LEU A 349 -14.89 9.22 21.06
N TYR A 350 -13.90 10.07 20.78
CA TYR A 350 -13.15 10.87 21.76
C TYR A 350 -13.35 12.36 21.46
N LYS A 351 -13.94 13.11 22.37
CA LYS A 351 -14.11 14.57 22.19
C LYS A 351 -13.26 15.24 23.25
N SER A 352 -12.30 16.05 22.84
CA SER A 352 -11.52 16.89 23.78
C SER A 352 -11.83 18.36 23.50
N GLU A 353 -11.81 19.20 24.52
CA GLU A 353 -12.03 20.64 24.34
C GLU A 353 -10.73 21.22 23.76
N MET A 354 -9.62 20.48 23.73
CA MET A 354 -8.32 21.05 23.23
C MET A 354 -7.93 20.40 21.91
N GLU A 355 -7.04 21.06 21.18
CA GLU A 355 -6.42 20.42 20.00
C GLU A 355 -4.96 20.88 19.85
N VAL A 356 -4.25 20.32 18.89
CA VAL A 356 -2.86 20.77 18.62
C VAL A 356 -2.96 22.13 17.93
N GLN A 357 -2.26 23.15 18.43
CA GLN A 357 -2.31 24.54 17.88
C GLN A 357 -1.04 24.77 17.05
N ASP A 358 0.05 24.03 17.32
CA ASP A 358 1.36 24.22 16.64
C ASP A 358 1.19 23.94 15.13
N ALA A 359 1.61 24.85 14.26
CA ALA A 359 1.36 24.71 12.81
C ALA A 359 2.15 23.51 12.25
N GLU A 360 3.40 23.30 12.71
CA GLU A 360 4.27 22.23 12.16
C GLU A 360 3.65 20.88 12.51
N LEU A 361 3.26 20.69 13.77
CA LEU A 361 2.65 19.43 14.22
C LEU A 361 1.27 19.24 13.64
N LYS A 362 0.46 20.28 13.45
CA LYS A 362 -0.85 20.03 12.79
C LYS A 362 -0.60 19.50 11.40
N ALA A 363 0.34 20.06 10.68
CA ALA A 363 0.65 19.67 9.29
C ALA A 363 1.25 18.26 9.28
N LEU A 364 2.16 17.93 10.20
CA LEU A 364 2.76 16.59 10.30
C LEU A 364 1.66 15.54 10.51
N LEU A 365 0.74 15.77 11.44
CA LEU A 365 -0.35 14.81 11.75
C LEU A 365 -1.35 14.75 10.60
N GLN A 366 -1.36 15.67 9.64
CA GLN A 366 -2.21 15.48 8.45
C GLN A 366 -1.45 14.76 7.32
N SER A 367 -0.14 14.49 7.40
CA SER A 367 0.79 14.23 6.25
C SER A 367 0.72 12.78 5.73
N GLN B 15 16.18 -21.44 -12.41
CA GLN B 15 15.45 -21.64 -13.72
C GLN B 15 14.02 -21.06 -13.62
N GLU B 16 13.14 -21.61 -12.78
CA GLU B 16 11.71 -21.15 -12.65
C GLU B 16 11.71 -19.67 -12.25
N GLN B 17 10.83 -18.87 -12.84
CA GLN B 17 10.74 -17.41 -12.57
C GLN B 17 9.59 -17.16 -11.61
N THR B 18 9.88 -16.55 -10.46
CA THR B 18 8.92 -16.43 -9.35
C THR B 18 8.76 -14.95 -8.99
N ILE B 19 7.77 -14.66 -8.18
CA ILE B 19 7.49 -13.27 -7.74
C ILE B 19 8.62 -12.72 -6.85
N ALA B 20 9.70 -13.46 -6.64
CA ALA B 20 10.90 -12.92 -5.95
C ALA B 20 11.63 -12.00 -6.92
N GLU B 21 11.37 -12.14 -8.22
CA GLU B 21 11.91 -11.26 -9.29
C GLU B 21 10.96 -10.06 -9.55
N ASP B 22 11.53 -8.86 -9.45
CA ASP B 22 10.90 -7.57 -9.73
C ASP B 22 10.19 -7.67 -11.08
N LEU B 23 10.85 -8.16 -12.11
CA LEU B 23 10.20 -8.18 -13.45
C LEU B 23 8.98 -9.10 -13.50
N VAL B 24 8.96 -10.19 -12.75
CA VAL B 24 7.80 -11.13 -12.74
C VAL B 24 6.64 -10.40 -12.08
N VAL B 25 6.88 -9.72 -10.99
CA VAL B 25 5.76 -9.09 -10.27
C VAL B 25 5.11 -8.09 -11.24
N THR B 26 5.93 -7.33 -11.95
CA THR B 26 5.49 -6.35 -12.95
C THR B 26 4.54 -6.99 -13.95
N LYS B 27 4.93 -8.11 -14.54
CA LYS B 27 4.13 -8.74 -15.62
C LYS B 27 2.78 -9.19 -15.04
N TYR B 28 2.76 -9.79 -13.85
CA TYR B 28 1.52 -10.17 -13.13
C TYR B 28 0.60 -8.92 -12.95
N LYS B 29 1.19 -7.82 -12.51
CA LYS B 29 0.42 -6.61 -12.21
C LYS B 29 -0.14 -6.09 -13.54
N MET B 30 0.63 -6.11 -14.65
CA MET B 30 0.18 -5.50 -15.93
C MET B 30 -0.98 -6.30 -16.51
N GLY B 31 -0.98 -7.61 -16.28
CA GLY B 31 -2.04 -8.51 -16.73
C GLY B 31 -3.26 -8.41 -15.85
N GLY B 32 -3.05 -8.29 -14.56
CA GLY B 32 -4.12 -8.03 -13.59
C GLY B 32 -4.87 -6.76 -13.93
N ASP B 33 -4.15 -5.68 -14.19
CA ASP B 33 -4.73 -4.35 -14.52
C ASP B 33 -5.64 -4.54 -15.76
N ILE B 34 -5.20 -5.39 -16.68
CA ILE B 34 -5.98 -5.58 -17.92
C ILE B 34 -7.20 -6.42 -17.59
N ALA B 35 -7.07 -7.51 -16.85
CA ALA B 35 -8.23 -8.39 -16.57
C ALA B 35 -9.29 -7.55 -15.85
N ASN B 36 -8.89 -6.71 -14.91
CA ASN B 36 -9.79 -5.79 -14.20
C ASN B 36 -10.53 -4.91 -15.21
N ARG B 37 -9.83 -4.31 -16.16
CA ARG B 37 -10.46 -3.35 -17.09
C ARG B 37 -11.50 -4.10 -17.93
N VAL B 38 -11.17 -5.30 -18.33
CA VAL B 38 -12.02 -6.02 -19.31
C VAL B 38 -13.29 -6.44 -18.59
N LEU B 39 -13.11 -7.08 -17.46
CA LEU B 39 -14.22 -7.62 -16.68
C LEU B 39 -15.25 -6.49 -16.41
N ARG B 40 -14.79 -5.30 -16.03
CA ARG B 40 -15.67 -4.19 -15.63
C ARG B 40 -16.42 -3.69 -16.86
N SER B 41 -15.72 -3.61 -17.97
CA SER B 41 -16.31 -3.16 -19.24
C SER B 41 -17.45 -4.14 -19.58
N LEU B 42 -17.24 -5.44 -19.37
CA LEU B 42 -18.21 -6.52 -19.71
C LEU B 42 -19.42 -6.44 -18.77
N VAL B 43 -19.15 -6.18 -17.49
CA VAL B 43 -20.20 -5.98 -16.46
C VAL B 43 -21.05 -4.78 -16.88
N GLU B 44 -20.47 -3.64 -17.24
CA GLU B 44 -21.23 -2.44 -17.67
C GLU B 44 -22.04 -2.77 -18.92
N ALA B 45 -21.56 -3.64 -19.80
CA ALA B 45 -22.16 -3.90 -21.12
C ALA B 45 -23.24 -4.99 -21.02
N SER B 46 -23.50 -5.58 -19.83
CA SER B 46 -24.50 -6.66 -19.60
C SER B 46 -25.85 -6.03 -19.23
N SER B 47 -26.91 -6.29 -20.00
CA SER B 47 -28.29 -5.87 -19.68
C SER B 47 -29.28 -6.68 -20.52
N SER B 48 -30.56 -6.46 -20.28
CA SER B 48 -31.66 -7.23 -20.93
C SER B 48 -31.45 -7.09 -22.44
N GLY B 49 -31.30 -8.22 -23.11
CA GLY B 49 -31.28 -8.33 -24.57
C GLY B 49 -29.91 -8.61 -25.13
N VAL B 50 -28.89 -8.54 -24.26
CA VAL B 50 -27.47 -8.68 -24.66
C VAL B 50 -27.21 -10.16 -24.92
N SER B 51 -26.73 -10.44 -26.13
CA SER B 51 -26.24 -11.75 -26.58
C SER B 51 -25.04 -12.17 -25.74
N VAL B 52 -25.12 -13.33 -25.11
CA VAL B 52 -23.93 -13.84 -24.41
C VAL B 52 -22.81 -14.12 -25.41
N LEU B 53 -23.13 -14.48 -26.65
CA LEU B 53 -22.07 -14.74 -27.64
C LEU B 53 -21.29 -13.43 -27.86
N SER B 54 -21.98 -12.31 -27.92
CA SER B 54 -21.35 -11.01 -28.24
C SER B 54 -20.44 -10.62 -27.08
N LEU B 55 -20.81 -10.97 -25.85
CA LEU B 55 -20.04 -10.51 -24.69
C LEU B 55 -18.75 -11.35 -24.68
N CYS B 56 -18.85 -12.64 -24.96
CA CYS B 56 -17.64 -13.49 -25.08
C CYS B 56 -16.70 -12.96 -26.17
N GLU B 57 -17.26 -12.63 -27.34
CA GLU B 57 -16.48 -12.08 -28.46
C GLU B 57 -15.81 -10.79 -27.96
N LYS B 58 -16.56 -9.94 -27.29
CA LYS B 58 -16.12 -8.55 -27.01
C LYS B 58 -14.93 -8.57 -26.04
N GLY B 59 -15.05 -9.41 -25.02
CA GLY B 59 -14.07 -9.63 -23.95
C GLY B 59 -12.77 -10.26 -24.43
N ASP B 60 -12.82 -11.35 -25.20
CA ASP B 60 -11.64 -11.91 -25.93
C ASP B 60 -11.05 -10.81 -26.84
N ALA B 61 -11.84 -10.07 -27.60
CA ALA B 61 -11.26 -9.02 -28.48
C ALA B 61 -10.57 -7.95 -27.62
N MET B 62 -11.11 -7.59 -26.45
CA MET B 62 -10.54 -6.54 -25.58
C MET B 62 -9.24 -7.06 -24.99
N ILE B 63 -9.21 -8.30 -24.57
CA ILE B 63 -7.97 -8.79 -24.00
C ILE B 63 -6.87 -8.69 -25.07
N MET B 64 -7.15 -9.11 -26.28
CA MET B 64 -6.15 -9.03 -27.38
C MET B 64 -5.78 -7.57 -27.68
N GLU B 65 -6.74 -6.64 -27.75
CA GLU B 65 -6.45 -5.19 -28.00
C GLU B 65 -5.53 -4.67 -26.88
N GLU B 66 -5.83 -4.98 -25.62
CA GLU B 66 -5.14 -4.36 -24.47
C GLU B 66 -3.73 -4.96 -24.34
N THR B 67 -3.59 -6.26 -24.53
CA THR B 67 -2.25 -6.90 -24.45
C THR B 67 -1.46 -6.47 -25.68
N GLY B 68 -2.14 -6.27 -26.82
CA GLY B 68 -1.47 -5.80 -28.04
C GLY B 68 -0.71 -4.51 -27.82
N LYS B 69 -1.13 -3.64 -26.88
CA LYS B 69 -0.55 -2.28 -26.65
C LYS B 69 0.69 -2.21 -25.72
N ILE B 70 1.01 -3.28 -24.95
CA ILE B 70 2.01 -3.31 -23.85
C ILE B 70 3.27 -4.10 -24.24
N PHE B 71 4.46 -3.69 -23.75
CA PHE B 71 5.71 -4.45 -23.90
C PHE B 71 5.87 -4.72 -25.41
N LYS B 72 5.65 -3.70 -26.25
CA LYS B 72 5.79 -3.83 -27.73
C LYS B 72 7.24 -4.04 -28.14
N LYS B 73 8.17 -3.38 -27.47
CA LYS B 73 9.62 -3.41 -27.80
C LYS B 73 10.19 -4.82 -27.58
N GLU B 74 9.61 -5.63 -26.70
CA GLU B 74 9.99 -7.04 -26.46
C GLU B 74 9.23 -7.97 -27.41
N LYS B 75 9.80 -8.24 -28.57
CA LYS B 75 9.14 -8.84 -29.77
C LYS B 75 8.84 -10.32 -29.55
N GLU B 76 9.70 -11.00 -28.83
CA GLU B 76 9.57 -12.46 -28.62
C GLU B 76 8.49 -12.68 -27.56
N MET B 77 8.06 -11.63 -26.83
CA MET B 77 7.14 -11.82 -25.67
C MET B 77 5.71 -12.16 -26.12
N LYS B 78 5.29 -13.32 -25.65
CA LYS B 78 3.95 -13.85 -25.86
C LYS B 78 3.07 -13.18 -24.82
N LYS B 79 1.83 -12.86 -25.20
CA LYS B 79 0.82 -12.23 -24.33
C LYS B 79 -0.54 -12.33 -24.99
N GLY B 80 -1.55 -12.66 -24.21
CA GLY B 80 -2.96 -12.43 -24.57
C GLY B 80 -3.86 -13.10 -23.57
N ILE B 81 -4.57 -14.13 -23.99
CA ILE B 81 -5.64 -14.71 -23.15
C ILE B 81 -5.21 -15.99 -22.51
N ALA B 82 -5.39 -16.00 -21.19
CA ALA B 82 -5.10 -17.09 -20.25
C ALA B 82 -6.40 -17.88 -19.96
N PHE B 83 -7.55 -17.24 -20.11
CA PHE B 83 -8.82 -17.98 -20.04
C PHE B 83 -9.85 -17.23 -20.83
N PRO B 84 -10.48 -17.91 -21.82
CA PRO B 84 -11.42 -17.26 -22.73
C PRO B 84 -12.66 -16.80 -21.95
N THR B 85 -13.19 -15.65 -22.32
CA THR B 85 -14.34 -15.02 -21.62
C THR B 85 -15.48 -16.05 -21.60
N SER B 86 -15.88 -16.50 -20.42
CA SER B 86 -16.96 -17.49 -20.23
C SER B 86 -18.04 -16.86 -19.37
N ILE B 87 -19.29 -16.99 -19.80
CA ILE B 87 -20.42 -16.23 -19.23
C ILE B 87 -21.54 -17.19 -18.86
N SER B 88 -21.57 -17.53 -17.57
CA SER B 88 -22.27 -18.72 -17.06
C SER B 88 -23.44 -18.28 -16.18
N VAL B 89 -24.65 -18.53 -16.63
CA VAL B 89 -25.83 -17.80 -16.11
C VAL B 89 -26.63 -18.72 -15.20
N ASN B 90 -27.16 -18.15 -14.12
CA ASN B 90 -28.10 -18.81 -13.21
C ASN B 90 -27.40 -20.09 -12.75
N ASN B 91 -27.92 -21.26 -13.10
CA ASN B 91 -27.47 -22.54 -12.49
C ASN B 91 -26.41 -23.19 -13.40
N CYS B 92 -26.03 -22.56 -14.51
CA CYS B 92 -24.77 -22.92 -15.22
C CYS B 92 -23.53 -22.63 -14.34
N VAL B 93 -22.58 -23.58 -14.18
CA VAL B 93 -21.48 -23.38 -13.20
C VAL B 93 -20.36 -22.55 -13.83
N CYS B 94 -19.99 -22.84 -15.08
CA CYS B 94 -18.66 -22.48 -15.66
C CYS B 94 -18.54 -22.94 -17.12
N HIS B 95 -17.66 -22.28 -17.86
CA HIS B 95 -17.07 -22.69 -19.17
C HIS B 95 -18.04 -22.45 -20.34
N PHE B 96 -19.02 -21.58 -20.23
CA PHE B 96 -19.92 -21.27 -21.37
C PHE B 96 -19.30 -20.19 -22.25
N SER B 97 -18.93 -20.60 -23.44
CA SER B 97 -18.29 -19.78 -24.47
C SER B 97 -18.78 -20.38 -25.75
N PRO B 98 -19.98 -19.99 -26.16
CA PRO B 98 -20.66 -20.64 -27.27
C PRO B 98 -19.95 -20.44 -28.61
N LEU B 99 -20.10 -21.41 -29.49
CA LEU B 99 -19.73 -21.27 -30.92
C LEU B 99 -20.72 -20.32 -31.58
N LYS B 100 -20.35 -19.65 -32.68
CA LYS B 100 -21.31 -18.77 -33.45
C LYS B 100 -22.59 -19.57 -33.81
N SER B 101 -22.44 -20.87 -34.06
CA SER B 101 -23.50 -21.80 -34.52
C SER B 101 -24.26 -22.47 -33.36
N ASP B 102 -23.87 -22.31 -32.11
CA ASP B 102 -24.62 -22.92 -30.98
C ASP B 102 -25.88 -22.08 -30.72
N GLN B 103 -26.77 -22.63 -29.90
CA GLN B 103 -27.80 -21.85 -29.18
C GLN B 103 -27.07 -20.72 -28.45
N ASP B 104 -27.48 -19.50 -28.72
CA ASP B 104 -27.07 -18.31 -27.92
C ASP B 104 -27.99 -18.21 -26.71
N TYR B 105 -27.51 -17.54 -25.69
CA TYR B 105 -28.27 -17.13 -24.49
C TYR B 105 -28.32 -15.59 -24.43
N ILE B 106 -29.53 -15.06 -24.44
CA ILE B 106 -29.93 -13.63 -24.31
C ILE B 106 -30.22 -13.30 -22.85
N LEU B 107 -29.50 -12.34 -22.29
CA LEU B 107 -29.63 -11.98 -20.87
C LEU B 107 -31.03 -11.44 -20.66
N LYS B 108 -31.63 -11.84 -19.55
CA LYS B 108 -32.90 -11.33 -19.01
C LYS B 108 -32.60 -10.59 -17.71
N GLU B 109 -33.36 -9.53 -17.47
CA GLU B 109 -33.49 -8.94 -16.12
C GLU B 109 -33.65 -10.04 -15.06
N GLY B 110 -32.84 -9.95 -14.01
CA GLY B 110 -32.85 -10.84 -12.83
C GLY B 110 -31.98 -12.07 -13.01
N ASP B 111 -31.34 -12.24 -14.16
CA ASP B 111 -30.38 -13.34 -14.42
C ASP B 111 -29.16 -13.12 -13.54
N LEU B 112 -28.70 -14.18 -12.88
CA LEU B 112 -27.44 -14.14 -12.13
C LEU B 112 -26.33 -14.53 -13.12
N VAL B 113 -25.38 -13.64 -13.35
CA VAL B 113 -24.32 -13.81 -14.36
C VAL B 113 -22.98 -13.97 -13.65
N LYS B 114 -22.24 -14.99 -14.05
CA LYS B 114 -20.81 -15.22 -13.71
C LYS B 114 -19.95 -14.91 -14.94
N ILE B 115 -19.05 -13.94 -14.87
CA ILE B 115 -18.04 -13.61 -15.92
C ILE B 115 -16.65 -14.04 -15.39
N ASP B 116 -15.99 -14.90 -16.15
CA ASP B 116 -14.72 -15.57 -15.76
C ASP B 116 -13.80 -15.32 -16.95
N LEU B 117 -12.62 -14.74 -16.75
CA LEU B 117 -11.64 -14.59 -17.85
C LEU B 117 -10.22 -14.47 -17.29
N GLY B 118 -9.23 -14.59 -18.17
CA GLY B 118 -7.81 -14.61 -17.77
C GLY B 118 -6.96 -13.82 -18.73
N VAL B 119 -5.90 -13.18 -18.25
CA VAL B 119 -4.86 -12.55 -19.10
C VAL B 119 -3.48 -13.09 -18.72
N HIS B 120 -2.62 -13.20 -19.71
CA HIS B 120 -1.20 -13.56 -19.45
C HIS B 120 -0.33 -12.52 -20.10
N VAL B 121 0.72 -12.19 -19.40
CA VAL B 121 1.87 -11.44 -19.97
C VAL B 121 3.10 -12.33 -19.80
N ASP B 122 3.62 -12.86 -20.94
CA ASP B 122 4.82 -13.73 -20.92
C ASP B 122 4.54 -14.98 -20.06
N GLY B 123 3.30 -15.46 -20.07
CA GLY B 123 2.87 -16.66 -19.35
C GLY B 123 2.60 -16.44 -17.87
N PHE B 124 2.81 -15.23 -17.37
CA PHE B 124 2.37 -14.86 -16.00
C PHE B 124 0.84 -14.61 -16.11
N ILE B 125 0.03 -15.32 -15.32
CA ILE B 125 -1.44 -15.42 -15.50
C ILE B 125 -2.20 -14.56 -14.47
N ALA B 126 -3.18 -13.76 -14.93
CA ALA B 126 -4.08 -13.01 -14.03
C ALA B 126 -5.51 -13.44 -14.32
N ASN B 127 -6.09 -14.29 -13.46
CA ASN B 127 -7.47 -14.81 -13.58
C ASN B 127 -8.38 -13.96 -12.69
N VAL B 128 -9.63 -13.75 -13.14
CA VAL B 128 -10.65 -13.03 -12.33
C VAL B 128 -12.01 -13.61 -12.65
N ALA B 129 -12.92 -13.65 -11.67
CA ALA B 129 -14.34 -13.93 -11.99
C ALA B 129 -15.20 -13.15 -11.03
N HIS B 130 -16.39 -12.79 -11.48
CA HIS B 130 -17.28 -11.85 -10.79
C HIS B 130 -18.72 -12.28 -10.99
N THR B 131 -19.57 -12.17 -9.97
CA THR B 131 -21.02 -12.44 -10.11
C THR B 131 -21.81 -11.16 -9.88
N PHE B 132 -22.88 -10.96 -10.65
CA PHE B 132 -23.78 -9.78 -10.54
C PHE B 132 -25.15 -10.19 -11.06
N VAL B 133 -26.15 -9.31 -10.97
CA VAL B 133 -27.54 -9.62 -11.37
C VAL B 133 -27.91 -8.60 -12.43
N VAL B 134 -28.58 -9.01 -13.47
CA VAL B 134 -28.73 -8.12 -14.65
C VAL B 134 -29.81 -7.09 -14.31
N ASP B 135 -29.60 -5.84 -14.67
CA ASP B 135 -30.58 -4.71 -14.64
C ASP B 135 -31.28 -4.66 -13.28
N VAL B 136 -30.54 -4.79 -12.19
CA VAL B 136 -31.10 -4.55 -10.84
C VAL B 136 -31.76 -3.16 -10.89
N ALA B 137 -33.08 -3.12 -10.64
CA ALA B 137 -33.93 -1.91 -10.52
C ALA B 137 -33.20 -0.88 -9.66
N GLN B 138 -32.95 0.31 -10.22
CA GLN B 138 -32.30 1.43 -9.52
C GLN B 138 -32.86 1.56 -8.08
N GLY B 139 -31.98 1.70 -7.07
CA GLY B 139 -32.34 1.75 -5.63
C GLY B 139 -33.19 0.57 -5.10
N THR B 140 -33.31 -0.59 -5.76
CA THR B 140 -33.67 -1.81 -4.99
C THR B 140 -32.39 -2.57 -4.62
N GLN B 141 -32.64 -3.72 -3.99
CA GLN B 141 -31.65 -4.67 -3.50
C GLN B 141 -32.06 -6.04 -4.03
N VAL B 142 -31.08 -6.87 -4.35
CA VAL B 142 -31.34 -8.27 -4.69
C VAL B 142 -31.71 -8.95 -3.36
N THR B 143 -32.68 -9.86 -3.35
CA THR B 143 -33.09 -10.59 -2.12
C THR B 143 -33.24 -12.05 -2.49
N GLY B 144 -33.58 -12.91 -1.54
CA GLY B 144 -33.81 -14.33 -1.83
C GLY B 144 -32.51 -15.11 -2.05
N ARG B 145 -32.60 -16.22 -2.78
CA ARG B 145 -31.47 -17.18 -2.94
C ARG B 145 -30.30 -16.51 -3.70
N LYS B 146 -30.59 -15.56 -4.58
CA LYS B 146 -29.55 -14.90 -5.39
C LYS B 146 -28.65 -14.09 -4.47
N ALA B 147 -29.22 -13.43 -3.47
CA ALA B 147 -28.50 -12.61 -2.46
C ALA B 147 -27.85 -13.57 -1.47
N ASP B 148 -28.55 -14.61 -1.06
CA ASP B 148 -27.94 -15.61 -0.14
C ASP B 148 -26.62 -16.05 -0.74
N VAL B 149 -26.64 -16.49 -2.00
CA VAL B 149 -25.49 -17.22 -2.61
C VAL B 149 -24.42 -16.21 -3.06
N ILE B 150 -24.81 -15.01 -3.49
CA ILE B 150 -23.80 -13.99 -3.87
C ILE B 150 -23.09 -13.53 -2.61
N LYS B 151 -23.79 -13.35 -1.48
CA LYS B 151 -23.15 -12.92 -0.20
C LYS B 151 -22.23 -14.04 0.29
N ALA B 152 -22.68 -15.28 0.27
CA ALA B 152 -21.91 -16.44 0.72
C ALA B 152 -20.61 -16.52 -0.10
N ALA B 153 -20.70 -16.44 -1.43
CA ALA B 153 -19.51 -16.57 -2.32
C ALA B 153 -18.55 -15.39 -2.03
N HIS B 154 -19.07 -14.18 -1.87
CA HIS B 154 -18.21 -13.02 -1.61
C HIS B 154 -17.54 -13.17 -0.23
N LEU B 155 -18.29 -13.49 0.81
CA LEU B 155 -17.68 -13.68 2.17
C LEU B 155 -16.68 -14.86 2.16
N CYS B 156 -16.93 -15.88 1.33
CA CYS B 156 -15.94 -16.97 1.09
C CYS B 156 -14.69 -16.39 0.41
N ALA B 157 -14.84 -15.53 -0.59
CA ALA B 157 -13.69 -14.96 -1.30
C ALA B 157 -12.91 -14.08 -0.33
N GLU B 158 -13.61 -13.31 0.50
CA GLU B 158 -13.03 -12.40 1.53
C GLU B 158 -12.28 -13.24 2.57
N ALA B 159 -12.86 -14.32 3.04
CA ALA B 159 -12.19 -15.23 4.00
C ALA B 159 -10.89 -15.80 3.38
N ALA B 160 -10.93 -16.25 2.13
CA ALA B 160 -9.76 -16.80 1.43
C ALA B 160 -8.64 -15.74 1.39
N LEU B 161 -9.00 -14.50 1.12
CA LEU B 161 -7.98 -13.45 0.95
C LEU B 161 -7.24 -13.27 2.29
N ARG B 162 -7.90 -13.52 3.41
CA ARG B 162 -7.28 -13.25 4.75
C ARG B 162 -6.57 -14.50 5.28
N LEU B 163 -6.86 -15.67 4.72
CA LEU B 163 -6.37 -16.98 5.19
C LEU B 163 -5.30 -17.54 4.25
N VAL B 164 -5.34 -17.27 2.93
CA VAL B 164 -4.34 -17.80 1.97
C VAL B 164 -3.10 -16.92 2.13
N LYS B 165 -2.20 -17.32 3.02
CA LYS B 165 -0.98 -16.53 3.35
C LYS B 165 0.06 -17.44 3.99
N PRO B 166 1.36 -17.10 3.92
CA PRO B 166 2.45 -18.00 4.34
C PRO B 166 2.19 -18.55 5.74
N GLY B 167 2.33 -19.86 5.97
CA GLY B 167 2.22 -20.45 7.32
C GLY B 167 0.90 -21.15 7.56
N ASN B 168 -0.10 -20.84 6.75
CA ASN B 168 -1.45 -21.37 6.88
C ASN B 168 -1.55 -22.58 5.96
N GLN B 169 -2.61 -23.34 6.13
CA GLN B 169 -2.86 -24.65 5.48
C GLN B 169 -4.04 -24.45 4.54
N ASN B 170 -4.01 -24.99 3.33
CA ASN B 170 -5.18 -25.01 2.39
C ASN B 170 -6.42 -25.57 3.10
N THR B 171 -6.22 -26.43 4.07
CA THR B 171 -7.33 -27.12 4.76
C THR B 171 -8.16 -26.08 5.54
N GLN B 172 -7.53 -25.06 6.16
CA GLN B 172 -8.21 -24.05 7.02
C GLN B 172 -9.15 -23.22 6.13
N VAL B 173 -8.80 -23.08 4.86
CA VAL B 173 -9.62 -22.31 3.88
C VAL B 173 -10.85 -23.15 3.58
N THR B 174 -10.60 -24.41 3.26
CA THR B 174 -11.68 -25.35 2.87
C THR B 174 -12.78 -25.31 3.95
N GLU B 175 -12.32 -25.32 5.21
CA GLU B 175 -13.11 -25.39 6.48
C GLU B 175 -13.86 -24.05 6.68
N ALA B 176 -13.17 -22.92 6.67
CA ALA B 176 -13.83 -21.58 6.64
C ALA B 176 -14.91 -21.59 5.55
N TRP B 177 -14.65 -22.10 4.33
CA TRP B 177 -15.66 -21.97 3.24
C TRP B 177 -16.95 -22.77 3.53
N ASN B 178 -16.91 -23.92 4.20
CA ASN B 178 -18.19 -24.62 4.52
C ASN B 178 -18.89 -23.84 5.64
N LYS B 179 -18.16 -23.34 6.65
CA LYS B 179 -18.84 -22.60 7.73
C LYS B 179 -19.49 -21.35 7.11
N VAL B 180 -18.75 -20.57 6.33
CA VAL B 180 -19.27 -19.24 5.87
C VAL B 180 -20.48 -19.51 4.99
N ALA B 181 -20.36 -20.45 4.05
CA ALA B 181 -21.47 -20.75 3.12
C ALA B 181 -22.67 -21.35 3.84
N HIS B 182 -22.47 -22.22 4.83
CA HIS B 182 -23.59 -22.88 5.55
C HIS B 182 -24.43 -21.78 6.21
N SER B 183 -23.79 -20.68 6.64
CA SER B 183 -24.53 -19.58 7.32
C SER B 183 -25.69 -19.09 6.44
N PHE B 184 -25.62 -19.21 5.10
CA PHE B 184 -26.66 -18.74 4.12
C PHE B 184 -27.43 -19.94 3.51
N ASN B 185 -27.34 -21.10 4.15
CA ASN B 185 -27.82 -22.39 3.61
C ASN B 185 -27.35 -22.54 2.17
N CYS B 186 -26.05 -22.35 1.93
CA CYS B 186 -25.44 -22.54 0.58
C CYS B 186 -24.30 -23.55 0.74
N THR B 187 -23.83 -24.16 -0.35
CA THR B 187 -22.80 -25.22 -0.29
C THR B 187 -21.76 -24.92 -1.35
N PRO B 188 -20.48 -24.86 -0.99
CA PRO B 188 -19.41 -24.80 -1.98
C PRO B 188 -19.51 -26.06 -2.83
N ILE B 189 -19.47 -25.94 -4.16
CA ILE B 189 -19.58 -27.08 -5.10
C ILE B 189 -18.46 -28.07 -4.78
N GLU B 190 -18.85 -29.30 -4.42
CA GLU B 190 -17.96 -30.44 -4.08
C GLU B 190 -16.82 -30.58 -5.09
N GLY B 191 -15.59 -30.57 -4.60
CA GLY B 191 -14.40 -31.00 -5.36
C GLY B 191 -13.78 -29.95 -6.28
N MET B 192 -14.31 -28.73 -6.40
CA MET B 192 -13.70 -27.67 -7.26
C MET B 192 -12.38 -27.19 -6.66
N LEU B 193 -11.40 -26.85 -7.50
CA LEU B 193 -9.99 -26.58 -7.09
C LEU B 193 -9.57 -25.13 -7.43
N SER B 194 -8.72 -24.57 -6.56
CA SER B 194 -8.01 -23.28 -6.73
C SER B 194 -6.54 -23.62 -6.87
N HIS B 195 -5.97 -23.36 -8.02
CA HIS B 195 -4.61 -23.81 -8.39
C HIS B 195 -3.59 -22.75 -8.00
N GLN B 196 -2.44 -23.17 -7.51
CA GLN B 196 -1.18 -22.42 -7.70
C GLN B 196 -0.92 -22.16 -9.19
N LEU B 197 -0.40 -20.97 -9.50
CA LEU B 197 0.00 -20.48 -10.82
C LEU B 197 1.52 -20.41 -10.85
N LYS B 198 2.14 -20.80 -11.97
CA LYS B 198 3.54 -20.41 -12.28
C LYS B 198 3.59 -20.00 -13.73
N GLN B 199 4.73 -19.49 -14.19
CA GLN B 199 4.87 -19.08 -15.59
C GLN B 199 4.38 -20.21 -16.49
N HIS B 200 3.46 -19.90 -17.39
CA HIS B 200 2.91 -20.81 -18.43
C HIS B 200 2.11 -21.96 -17.81
N VAL B 201 1.72 -21.89 -16.54
CA VAL B 201 0.99 -23.03 -15.90
C VAL B 201 -0.23 -22.47 -15.19
N ILE B 202 -1.44 -22.83 -15.65
CA ILE B 202 -2.73 -22.33 -15.10
C ILE B 202 -3.22 -23.31 -14.01
N ASP B 203 -2.55 -24.46 -13.83
CA ASP B 203 -3.13 -25.68 -13.17
C ASP B 203 -2.07 -26.40 -12.32
N GLY B 204 -1.19 -25.65 -11.64
CA GLY B 204 -0.21 -26.15 -10.66
C GLY B 204 -0.82 -27.15 -9.70
N GLU B 205 0.00 -28.06 -9.17
CA GLU B 205 -0.52 -29.27 -8.49
C GLU B 205 -0.88 -28.83 -7.06
N LYS B 206 -0.26 -27.77 -6.53
CA LYS B 206 -0.61 -27.32 -5.16
C LYS B 206 -1.97 -26.61 -5.19
N THR B 207 -3.00 -27.14 -4.50
CA THR B 207 -4.41 -26.69 -4.68
C THR B 207 -5.18 -26.50 -3.35
N ILE B 208 -6.22 -25.66 -3.39
CA ILE B 208 -7.25 -25.53 -2.31
C ILE B 208 -8.49 -26.21 -2.86
N ILE B 209 -9.05 -27.16 -2.12
CA ILE B 209 -10.23 -27.93 -2.60
C ILE B 209 -11.47 -27.41 -1.86
N GLN B 210 -12.60 -27.28 -2.56
CA GLN B 210 -13.92 -26.90 -1.98
C GLN B 210 -14.66 -28.17 -1.54
N ASN B 211 -15.12 -28.26 -0.28
CA ASN B 211 -16.20 -29.17 0.23
C ASN B 211 -16.00 -30.57 -0.37
N PRO B 212 -14.85 -31.20 -0.07
CA PRO B 212 -14.45 -32.43 -0.71
C PRO B 212 -15.35 -33.57 -0.22
N THR B 213 -15.66 -34.53 -1.10
CA THR B 213 -16.25 -35.85 -0.71
C THR B 213 -15.27 -36.60 0.22
N ASP B 214 -15.79 -37.31 1.24
CA ASP B 214 -15.39 -38.71 1.59
C ASP B 214 -14.08 -39.03 0.77
N GLN B 215 -14.24 -39.50 -0.49
CA GLN B 215 -13.15 -39.96 -1.41
C GLN B 215 -12.17 -38.82 -1.77
N GLN B 216 -12.68 -37.61 -2.06
CA GLN B 216 -11.90 -36.45 -2.61
C GLN B 216 -10.83 -36.01 -1.59
N LYS B 217 -11.16 -36.01 -0.28
CA LYS B 217 -10.25 -35.79 0.90
C LYS B 217 -9.04 -36.74 0.81
N LYS B 218 -9.27 -38.05 0.72
CA LYS B 218 -8.19 -39.07 0.50
C LYS B 218 -7.21 -38.57 -0.58
N ASP B 219 -7.69 -38.36 -1.82
CA ASP B 219 -6.89 -37.97 -3.03
C ASP B 219 -6.18 -36.61 -2.91
N HIS B 220 -6.89 -35.51 -2.60
CA HIS B 220 -6.34 -34.13 -2.45
C HIS B 220 -5.18 -34.06 -1.43
N GLU B 221 -4.07 -33.38 -1.74
CA GLU B 221 -2.92 -33.15 -0.81
C GLU B 221 -3.18 -31.93 0.09
N LYS B 222 -3.14 -32.12 1.42
CA LYS B 222 -2.86 -31.04 2.39
C LYS B 222 -1.57 -30.34 1.96
N ALA B 223 -1.48 -29.03 2.20
CA ALA B 223 -0.31 -28.22 1.82
C ALA B 223 -0.25 -26.94 2.66
N GLU B 224 0.95 -26.43 2.89
CA GLU B 224 1.17 -25.16 3.61
C GLU B 224 1.46 -24.10 2.53
N PHE B 225 0.89 -22.91 2.67
CA PHE B 225 1.16 -21.80 1.75
C PHE B 225 2.53 -21.24 2.09
N GLU B 226 3.32 -20.74 1.14
CA GLU B 226 4.63 -20.11 1.45
C GLU B 226 4.80 -18.80 0.67
N VAL B 227 5.61 -17.87 1.17
CA VAL B 227 5.93 -16.62 0.42
C VAL B 227 6.25 -17.01 -1.02
N HIS B 228 6.08 -16.07 -1.95
CA HIS B 228 6.54 -16.20 -3.33
C HIS B 228 5.59 -17.09 -4.12
N GLU B 229 4.60 -17.70 -3.52
CA GLU B 229 3.61 -18.47 -4.28
C GLU B 229 2.50 -17.52 -4.78
N VAL B 230 1.85 -17.93 -5.85
CA VAL B 230 0.74 -17.24 -6.54
C VAL B 230 -0.45 -18.20 -6.56
N TYR B 231 -1.69 -17.78 -6.26
CA TYR B 231 -2.91 -18.64 -6.29
C TYR B 231 -4.04 -17.94 -7.06
N ALA B 232 -4.78 -18.66 -7.90
CA ALA B 232 -6.04 -18.14 -8.49
C ALA B 232 -7.18 -18.75 -7.68
N VAL B 233 -7.53 -18.04 -6.62
CA VAL B 233 -8.54 -18.48 -5.63
C VAL B 233 -9.89 -18.42 -6.36
N ASP B 234 -10.56 -19.57 -6.48
CA ASP B 234 -11.84 -19.77 -7.23
C ASP B 234 -12.97 -20.22 -6.27
N VAL B 235 -13.84 -19.30 -5.86
CA VAL B 235 -14.99 -19.62 -4.98
C VAL B 235 -16.19 -19.90 -5.90
N LEU B 236 -16.78 -21.10 -5.81
CA LEU B 236 -17.99 -21.48 -6.59
C LEU B 236 -19.02 -22.00 -5.60
N VAL B 237 -20.11 -21.29 -5.38
CA VAL B 237 -21.04 -21.65 -4.29
C VAL B 237 -22.43 -21.86 -4.90
N SER B 238 -23.12 -22.87 -4.41
CA SER B 238 -24.47 -23.22 -4.90
C SER B 238 -25.53 -22.92 -3.84
N SER B 239 -26.73 -22.58 -4.30
CA SER B 239 -27.92 -22.48 -3.43
C SER B 239 -28.48 -23.88 -3.19
N GLY B 240 -28.14 -24.85 -4.01
CA GLY B 240 -28.66 -26.23 -3.89
C GLY B 240 -27.68 -27.16 -3.21
N GLU B 241 -27.62 -28.42 -3.68
CA GLU B 241 -26.87 -29.54 -3.07
C GLU B 241 -25.35 -29.30 -3.11
N GLY B 242 -24.88 -28.68 -4.17
CA GLY B 242 -23.48 -28.31 -4.34
C GLY B 242 -22.81 -29.39 -5.13
N LYS B 243 -23.56 -29.93 -6.09
CA LYS B 243 -23.03 -30.89 -7.09
C LYS B 243 -23.15 -30.21 -8.44
N ALA B 244 -22.33 -30.63 -9.38
CA ALA B 244 -22.28 -30.09 -10.76
C ALA B 244 -22.17 -31.25 -11.76
N LYS B 245 -23.15 -31.43 -12.64
CA LYS B 245 -23.23 -32.55 -13.61
C LYS B 245 -22.98 -32.02 -15.02
N ASP B 246 -22.48 -32.84 -15.94
CA ASP B 246 -22.48 -32.55 -17.40
C ASP B 246 -23.96 -32.46 -17.84
N ALA B 247 -24.25 -31.86 -18.99
CA ALA B 247 -25.61 -31.88 -19.59
C ALA B 247 -25.51 -31.94 -21.12
N GLY B 248 -24.47 -32.62 -21.63
CA GLY B 248 -24.13 -32.68 -23.08
C GLY B 248 -24.50 -31.37 -23.77
N GLN B 249 -24.10 -30.25 -23.18
CA GLN B 249 -23.91 -28.96 -23.89
C GLN B 249 -22.57 -29.12 -24.61
N ARG B 250 -22.45 -28.67 -25.85
CA ARG B 250 -21.15 -28.74 -26.58
C ARG B 250 -20.05 -28.17 -25.66
N THR B 251 -18.96 -28.89 -25.49
CA THR B 251 -17.72 -28.32 -24.93
C THR B 251 -17.06 -27.44 -26.00
N THR B 252 -16.52 -26.27 -25.59
CA THR B 252 -15.87 -25.33 -26.53
C THR B 252 -14.48 -24.93 -26.06
N ILE B 253 -14.17 -25.10 -24.78
CA ILE B 253 -12.88 -24.68 -24.19
C ILE B 253 -12.00 -25.92 -24.00
N TYR B 254 -10.76 -25.84 -24.46
CA TYR B 254 -9.73 -26.89 -24.28
C TYR B 254 -8.41 -26.20 -23.96
N LYS B 255 -7.49 -26.90 -23.31
CA LYS B 255 -6.05 -26.49 -23.40
C LYS B 255 -5.18 -27.62 -23.91
N ARG B 256 -4.05 -27.25 -24.50
CA ARG B 256 -3.03 -28.24 -24.90
C ARG B 256 -2.41 -28.77 -23.60
N ASP B 257 -2.22 -30.08 -23.53
CA ASP B 257 -1.38 -30.75 -22.51
C ASP B 257 0.05 -30.72 -23.06
N PRO B 258 0.97 -29.95 -22.47
CA PRO B 258 2.24 -29.69 -23.15
C PRO B 258 3.17 -30.89 -22.91
N SER B 259 2.75 -31.80 -22.00
CA SER B 259 3.46 -33.04 -21.59
C SER B 259 3.23 -34.18 -22.63
N LYS B 260 2.15 -34.18 -23.41
CA LYS B 260 1.88 -35.14 -24.51
C LYS B 260 2.20 -34.48 -25.85
N GLN B 261 2.76 -35.28 -26.77
CA GLN B 261 3.25 -34.88 -28.12
C GLN B 261 2.83 -36.00 -29.06
N TYR B 262 2.37 -35.67 -30.26
CA TYR B 262 1.97 -36.66 -31.30
C TYR B 262 1.86 -35.93 -32.64
N GLY B 263 2.63 -36.42 -33.63
CA GLY B 263 2.46 -36.22 -35.09
C GLY B 263 1.09 -36.74 -35.56
N LEU B 264 0.27 -35.86 -36.13
CA LEU B 264 -1.14 -36.17 -36.45
C LEU B 264 -1.20 -36.71 -37.89
N LYS B 265 -2.15 -37.59 -38.17
CA LYS B 265 -2.30 -38.29 -39.47
C LYS B 265 -2.86 -37.32 -40.51
N MET B 266 -4.00 -36.66 -40.20
CA MET B 266 -4.75 -35.81 -41.15
C MET B 266 -4.14 -34.41 -41.15
N LYS B 267 -4.19 -33.71 -42.27
CA LYS B 267 -3.51 -32.41 -42.55
C LYS B 267 -4.32 -31.22 -41.96
N THR B 268 -5.63 -31.34 -41.79
CA THR B 268 -6.47 -30.31 -41.15
C THR B 268 -6.08 -30.25 -39.66
N SER B 269 -6.13 -31.40 -38.98
CA SER B 269 -5.49 -31.67 -37.65
C SER B 269 -4.15 -30.95 -37.42
N ARG B 270 -3.23 -30.94 -38.36
CA ARG B 270 -1.90 -30.37 -38.09
C ARG B 270 -1.94 -28.85 -38.15
N ALA B 271 -2.66 -28.32 -39.15
CA ALA B 271 -3.01 -26.89 -39.28
C ALA B 271 -3.71 -26.40 -38.00
N PHE B 272 -4.73 -27.14 -37.52
CA PHE B 272 -5.47 -26.91 -36.26
C PHE B 272 -4.47 -26.76 -35.12
N PHE B 273 -3.71 -27.83 -34.85
CA PHE B 273 -2.58 -27.80 -33.91
C PHE B 273 -1.71 -26.56 -34.14
N SER B 274 -1.29 -26.22 -35.36
CA SER B 274 -0.35 -25.07 -35.58
C SER B 274 -1.00 -23.79 -35.07
N GLU B 275 -2.30 -23.67 -35.28
CA GLU B 275 -3.01 -22.43 -34.98
C GLU B 275 -3.20 -22.38 -33.46
N VAL B 276 -3.51 -23.52 -32.82
CA VAL B 276 -3.57 -23.62 -31.35
C VAL B 276 -2.22 -23.24 -30.75
N GLU B 277 -1.14 -23.90 -31.15
CA GLU B 277 0.22 -23.67 -30.56
C GLU B 277 0.48 -22.18 -30.71
N ARG B 278 0.23 -21.61 -31.88
CA ARG B 278 0.69 -20.24 -32.19
C ARG B 278 -0.12 -19.21 -31.41
N ARG B 279 -1.45 -19.33 -31.39
CA ARG B 279 -2.34 -18.25 -30.92
C ARG B 279 -2.51 -18.30 -29.39
N PHE B 280 -2.31 -19.47 -28.75
CA PHE B 280 -2.81 -19.79 -27.40
C PHE B 280 -1.81 -20.59 -26.57
N ASP B 281 -0.55 -20.78 -27.01
CA ASP B 281 0.43 -21.71 -26.43
C ASP B 281 -0.31 -22.82 -25.68
N ALA B 282 -0.18 -22.89 -24.35
CA ALA B 282 -0.70 -24.01 -23.54
C ALA B 282 -1.81 -23.50 -22.60
N MET B 283 -2.37 -22.34 -22.92
CA MET B 283 -3.49 -21.71 -22.18
C MET B 283 -4.81 -22.19 -22.73
N PRO B 284 -5.85 -22.26 -21.88
CA PRO B 284 -7.19 -22.57 -22.39
C PRO B 284 -7.61 -21.56 -23.47
N PHE B 285 -8.37 -22.06 -24.44
CA PHE B 285 -8.90 -21.26 -25.57
C PHE B 285 -10.33 -21.71 -25.85
N THR B 286 -11.12 -20.90 -26.54
CA THR B 286 -12.46 -21.34 -27.04
C THR B 286 -12.40 -21.75 -28.53
N LEU B 287 -13.13 -22.81 -28.92
CA LEU B 287 -13.19 -23.21 -30.35
C LEU B 287 -13.85 -22.10 -31.14
N ARG B 288 -14.47 -21.12 -30.48
CA ARG B 288 -15.23 -20.04 -31.17
C ARG B 288 -14.25 -19.16 -31.92
N ALA B 289 -13.00 -19.12 -31.46
CA ALA B 289 -11.95 -18.28 -32.07
C ALA B 289 -11.49 -18.86 -33.42
N PHE B 290 -11.92 -20.03 -33.85
CA PHE B 290 -11.52 -20.54 -35.19
C PHE B 290 -12.60 -20.14 -36.21
N GLU B 291 -12.24 -19.37 -37.28
CA GLU B 291 -13.11 -19.02 -38.45
C GLU B 291 -13.77 -20.27 -39.06
N ASP B 292 -12.99 -21.25 -39.54
CA ASP B 292 -13.54 -22.53 -40.10
C ASP B 292 -13.98 -23.41 -38.91
N GLU B 293 -15.18 -23.14 -38.37
CA GLU B 293 -15.85 -23.88 -37.26
C GLU B 293 -15.84 -25.40 -37.51
N LYS B 294 -15.87 -25.84 -38.78
CA LYS B 294 -15.98 -27.27 -39.22
C LYS B 294 -14.64 -27.98 -39.04
N LYS B 295 -13.58 -27.42 -39.63
CA LYS B 295 -12.19 -27.97 -39.62
C LYS B 295 -11.67 -28.13 -38.18
N ALA B 296 -12.03 -27.18 -37.31
CA ALA B 296 -11.66 -27.11 -35.89
C ALA B 296 -12.37 -28.21 -35.07
N ARG B 297 -13.69 -28.40 -35.24
CA ARG B 297 -14.46 -29.50 -34.57
C ARG B 297 -13.85 -30.86 -35.01
N MET B 298 -13.26 -30.93 -36.20
CA MET B 298 -12.64 -32.15 -36.76
C MET B 298 -11.19 -32.28 -36.26
N GLY B 299 -10.43 -31.18 -36.33
CA GLY B 299 -9.11 -31.09 -35.70
C GLY B 299 -9.14 -31.55 -34.24
N VAL B 300 -10.17 -31.13 -33.48
CA VAL B 300 -10.28 -31.51 -32.06
C VAL B 300 -10.39 -33.02 -31.94
N VAL B 301 -11.28 -33.65 -32.70
CA VAL B 301 -11.53 -35.08 -32.37
C VAL B 301 -10.20 -35.81 -32.55
N GLU B 302 -9.40 -35.54 -33.60
CA GLU B 302 -8.10 -36.26 -33.68
C GLU B 302 -7.24 -35.90 -32.46
N CYS B 303 -7.12 -34.62 -32.10
CA CYS B 303 -6.30 -34.14 -30.94
C CYS B 303 -6.81 -34.73 -29.62
N ALA B 304 -7.99 -34.28 -29.18
CA ALA B 304 -8.71 -34.76 -27.97
C ALA B 304 -8.68 -36.30 -27.97
N LYS B 305 -8.97 -37.02 -29.06
CA LYS B 305 -8.77 -38.49 -29.11
C LYS B 305 -7.40 -38.88 -28.48
N HIS B 306 -6.26 -38.30 -28.89
CA HIS B 306 -4.87 -38.69 -28.46
C HIS B 306 -4.31 -37.88 -27.28
N GLU B 307 -5.18 -37.32 -26.43
CA GLU B 307 -4.86 -36.65 -25.12
C GLU B 307 -4.05 -35.34 -25.30
N LEU B 308 -4.04 -34.74 -26.49
CA LEU B 308 -3.27 -33.50 -26.81
C LEU B 308 -4.02 -32.26 -26.30
N LEU B 309 -5.37 -32.32 -26.24
CA LEU B 309 -6.27 -31.33 -25.59
C LEU B 309 -6.92 -31.97 -24.37
N GLN B 310 -7.09 -31.16 -23.33
CA GLN B 310 -7.90 -31.49 -22.14
C GLN B 310 -9.11 -30.61 -22.23
N PRO B 311 -10.32 -31.20 -22.08
CA PRO B 311 -11.57 -30.47 -22.26
C PRO B 311 -11.92 -29.71 -20.97
N PHE B 312 -12.48 -28.48 -21.08
CA PHE B 312 -13.15 -27.74 -19.97
C PHE B 312 -14.65 -27.73 -20.24
N ASN B 313 -15.30 -28.78 -19.72
CA ASN B 313 -16.73 -29.13 -19.89
C ASN B 313 -17.62 -28.12 -19.15
N VAL B 314 -18.77 -27.82 -19.73
CA VAL B 314 -19.81 -26.95 -19.11
C VAL B 314 -20.60 -27.75 -18.07
N LEU B 315 -20.81 -27.23 -16.87
CA LEU B 315 -21.37 -28.01 -15.76
C LEU B 315 -22.59 -27.31 -15.19
N TYR B 316 -23.53 -28.06 -14.63
CA TYR B 316 -24.82 -27.43 -14.24
C TYR B 316 -25.21 -27.94 -12.86
N GLU B 317 -25.68 -27.02 -12.02
CA GLU B 317 -26.51 -27.36 -10.85
C GLU B 317 -27.93 -27.60 -11.36
N LYS B 318 -28.86 -28.02 -10.49
CA LYS B 318 -30.27 -28.35 -10.84
C LYS B 318 -31.02 -27.08 -11.28
N GLU B 319 -32.05 -27.26 -12.11
CA GLU B 319 -33.00 -26.18 -12.52
C GLU B 319 -33.40 -25.38 -11.27
N GLY B 320 -33.47 -24.05 -11.36
CA GLY B 320 -34.07 -23.22 -10.30
C GLY B 320 -33.09 -22.85 -9.21
N GLU B 321 -31.96 -23.56 -9.14
CA GLU B 321 -30.82 -23.23 -8.26
C GLU B 321 -29.92 -22.18 -8.94
N PHE B 322 -29.11 -21.55 -8.12
CA PHE B 322 -28.24 -20.40 -8.45
C PHE B 322 -26.81 -20.73 -8.02
N VAL B 323 -25.84 -20.45 -8.88
CA VAL B 323 -24.40 -20.57 -8.52
C VAL B 323 -23.71 -19.22 -8.64
N ALA B 324 -23.00 -18.78 -7.59
CA ALA B 324 -22.13 -17.58 -7.58
C ALA B 324 -20.64 -17.96 -7.55
N GLN B 325 -19.82 -17.11 -8.13
CA GLN B 325 -18.37 -17.27 -8.34
C GLN B 325 -17.70 -15.92 -8.06
N PHE B 326 -16.66 -15.91 -7.21
CA PHE B 326 -15.65 -14.82 -7.18
C PHE B 326 -14.31 -15.49 -7.28
N LYS B 327 -13.56 -15.15 -8.32
CA LYS B 327 -12.18 -15.62 -8.50
C LYS B 327 -11.28 -14.39 -8.44
N PHE B 328 -10.12 -14.48 -7.82
CA PHE B 328 -9.10 -13.42 -7.79
C PHE B 328 -7.72 -14.05 -7.75
N THR B 329 -6.69 -13.37 -8.25
CA THR B 329 -5.32 -13.90 -8.40
C THR B 329 -4.58 -13.12 -7.33
N VAL B 330 -3.86 -13.82 -6.45
CA VAL B 330 -3.16 -13.20 -5.31
C VAL B 330 -1.72 -13.68 -5.31
N LEU B 331 -0.79 -12.75 -5.06
CA LEU B 331 0.66 -12.99 -4.92
C LEU B 331 1.00 -12.97 -3.41
N LEU B 332 1.53 -14.04 -2.83
CA LEU B 332 1.92 -14.03 -1.41
C LEU B 332 3.27 -13.32 -1.33
N MET B 333 3.24 -12.01 -1.38
CA MET B 333 4.45 -11.20 -1.15
C MET B 333 4.85 -11.30 0.33
N PRO B 334 6.12 -10.95 0.67
CA PRO B 334 6.58 -10.84 2.06
C PRO B 334 5.71 -9.95 2.97
N ASN B 335 5.18 -8.85 2.43
CA ASN B 335 4.43 -7.81 3.17
C ASN B 335 2.99 -8.26 3.37
N GLY B 336 2.58 -9.35 2.75
CA GLY B 336 1.15 -9.74 2.87
C GLY B 336 0.55 -10.02 1.51
N PRO B 337 -0.55 -10.78 1.45
CA PRO B 337 -1.15 -11.12 0.15
C PRO B 337 -1.43 -9.85 -0.68
N MET B 338 -1.11 -9.87 -1.97
CA MET B 338 -1.34 -8.75 -2.88
C MET B 338 -2.33 -9.23 -3.93
N ARG B 339 -3.59 -8.87 -3.78
CA ARG B 339 -4.60 -9.20 -4.80
C ARG B 339 -4.35 -8.30 -6.03
N ILE B 340 -4.28 -8.85 -7.25
CA ILE B 340 -4.02 -8.11 -8.52
C ILE B 340 -5.27 -8.12 -9.41
N THR B 341 -6.25 -8.99 -9.11
CA THR B 341 -7.56 -8.93 -9.78
C THR B 341 -8.71 -8.91 -8.75
N SER B 342 -9.82 -8.33 -9.18
CA SER B 342 -11.12 -8.37 -8.47
C SER B 342 -12.20 -7.77 -9.37
N GLY B 343 -13.44 -8.10 -9.04
CA GLY B 343 -14.60 -7.55 -9.72
C GLY B 343 -15.15 -6.38 -8.91
N PRO B 344 -16.06 -5.59 -9.45
CA PRO B 344 -16.63 -4.50 -8.67
C PRO B 344 -17.78 -4.91 -7.73
N PHE B 345 -17.51 -5.57 -6.62
CA PHE B 345 -18.59 -6.02 -5.74
C PHE B 345 -19.10 -4.80 -4.98
N GLU B 346 -20.40 -4.61 -4.84
CA GLU B 346 -21.00 -3.52 -4.01
C GLU B 346 -21.87 -4.26 -3.00
N PRO B 347 -21.41 -4.48 -1.74
CA PRO B 347 -22.12 -5.33 -0.78
C PRO B 347 -23.56 -4.86 -0.49
N ASP B 348 -23.77 -3.55 -0.40
CA ASP B 348 -25.09 -2.88 -0.14
C ASP B 348 -26.17 -3.26 -1.17
N LEU B 349 -25.81 -3.91 -2.26
CA LEU B 349 -26.77 -4.36 -3.29
C LEU B 349 -27.51 -5.61 -2.85
N TYR B 350 -26.93 -6.42 -1.95
CA TYR B 350 -27.45 -7.78 -1.65
C TYR B 350 -28.00 -7.72 -0.22
N LYS B 351 -29.25 -8.14 -0.04
CA LYS B 351 -29.88 -8.27 1.30
C LYS B 351 -30.25 -9.73 1.56
N SER B 352 -29.77 -10.32 2.67
CA SER B 352 -30.12 -11.70 3.11
C SER B 352 -30.78 -11.68 4.49
N GLU B 353 -31.79 -12.53 4.73
CA GLU B 353 -32.33 -12.76 6.11
C GLU B 353 -31.21 -13.37 6.96
N MET B 354 -30.21 -14.01 6.36
CA MET B 354 -29.20 -14.72 7.17
C MET B 354 -27.88 -13.95 7.19
N GLU B 355 -26.98 -14.34 8.09
CA GLU B 355 -25.68 -13.66 8.30
C GLU B 355 -24.71 -14.62 8.97
N VAL B 356 -23.41 -14.31 8.87
CA VAL B 356 -22.37 -15.13 9.53
C VAL B 356 -22.48 -14.83 11.01
N GLN B 357 -22.67 -15.86 11.82
CA GLN B 357 -22.88 -15.63 13.26
C GLN B 357 -21.71 -16.19 14.08
N ASP B 358 -20.81 -17.07 13.55
CA ASP B 358 -19.56 -17.50 14.25
C ASP B 358 -18.75 -16.24 14.62
N ALA B 359 -18.29 -16.12 15.86
CA ALA B 359 -17.60 -14.91 16.37
C ALA B 359 -16.22 -14.78 15.70
N GLU B 360 -15.51 -15.91 15.45
CA GLU B 360 -14.14 -15.83 14.88
C GLU B 360 -14.19 -15.50 13.39
N LEU B 361 -15.13 -16.12 12.65
CA LEU B 361 -15.36 -15.75 11.23
C LEU B 361 -15.88 -14.31 11.14
N LYS B 362 -16.79 -13.86 12.01
CA LYS B 362 -17.23 -12.43 12.04
C LYS B 362 -15.97 -11.58 12.11
N ALA B 363 -15.04 -11.90 13.01
CA ALA B 363 -13.87 -11.03 13.28
C ALA B 363 -12.86 -11.18 12.14
N LEU B 364 -12.76 -12.40 11.56
CA LEU B 364 -11.83 -12.64 10.41
C LEU B 364 -12.31 -11.79 9.23
N LEU B 365 -13.58 -11.84 8.91
CA LEU B 365 -14.19 -11.03 7.83
C LEU B 365 -14.10 -9.52 8.09
N GLN B 366 -13.92 -8.98 9.29
CA GLN B 366 -13.76 -7.50 9.54
C GLN B 366 -12.26 -7.08 9.50
N SER B 367 -11.31 -8.01 9.61
CA SER B 367 -9.85 -7.74 9.78
C SER B 367 -9.21 -7.11 8.52
N GLN C 15 26.90 -0.04 -12.32
CA GLN C 15 27.35 1.36 -12.07
C GLN C 15 26.17 2.25 -11.65
N GLU C 16 25.28 2.69 -12.56
CA GLU C 16 24.10 3.53 -12.20
C GLU C 16 23.43 2.87 -10.98
N GLN C 17 23.18 3.65 -9.91
CA GLN C 17 22.40 3.26 -8.69
C GLN C 17 20.90 3.48 -9.00
N THR C 18 20.07 2.43 -8.97
CA THR C 18 18.65 2.46 -9.46
C THR C 18 17.71 2.16 -8.31
N ILE C 19 16.39 2.28 -8.50
CA ILE C 19 15.45 1.95 -7.37
C ILE C 19 15.25 0.42 -7.21
N ALA C 20 16.13 -0.42 -7.77
CA ALA C 20 16.29 -1.86 -7.41
C ALA C 20 17.14 -2.00 -6.14
N GLU C 21 17.85 -0.94 -5.69
CA GLU C 21 18.59 -0.82 -4.39
C GLU C 21 17.70 -0.15 -3.33
N ASP C 22 17.53 -0.88 -2.22
CA ASP C 22 16.79 -0.48 -1.00
C ASP C 22 17.23 0.91 -0.52
N LEU C 23 18.54 1.21 -0.46
CA LEU C 23 19.04 2.53 -0.01
C LEU C 23 18.57 3.64 -0.97
N VAL C 24 18.35 3.36 -2.26
CA VAL C 24 18.01 4.41 -3.24
C VAL C 24 16.56 4.77 -3.01
N VAL C 25 15.68 3.79 -2.83
CA VAL C 25 14.25 4.09 -2.66
C VAL C 25 14.07 5.02 -1.46
N THR C 26 14.83 4.71 -0.41
CA THR C 26 14.82 5.37 0.90
C THR C 26 15.16 6.83 0.70
N LYS C 27 16.26 7.11 0.03
CA LYS C 27 16.68 8.49 -0.31
C LYS C 27 15.61 9.20 -1.16
N TYR C 28 14.91 8.53 -2.07
CA TYR C 28 13.88 9.22 -2.90
C TYR C 28 12.72 9.63 -1.96
N LYS C 29 12.30 8.71 -1.10
CA LYS C 29 11.17 8.91 -0.17
C LYS C 29 11.48 10.01 0.86
N MET C 30 12.69 10.07 1.37
CA MET C 30 13.03 11.09 2.37
C MET C 30 13.01 12.46 1.68
N GLY C 31 13.40 12.55 0.41
CA GLY C 31 13.36 13.82 -0.34
C GLY C 31 11.94 14.23 -0.66
N GLY C 32 11.07 13.30 -1.07
CA GLY C 32 9.66 13.60 -1.38
C GLY C 32 8.91 14.00 -0.11
N ASP C 33 9.16 13.35 1.03
CA ASP C 33 8.46 13.70 2.29
C ASP C 33 8.74 15.20 2.52
N ILE C 34 10.00 15.61 2.29
CA ILE C 34 10.42 17.03 2.44
C ILE C 34 9.76 17.89 1.36
N ALA C 35 9.82 17.51 0.08
CA ALA C 35 9.20 18.32 -1.01
C ALA C 35 7.74 18.54 -0.62
N ASN C 36 7.02 17.48 -0.23
CA ASN C 36 5.57 17.57 0.14
C ASN C 36 5.39 18.58 1.28
N ARG C 37 6.27 18.59 2.27
CA ARG C 37 6.12 19.45 3.45
C ARG C 37 6.37 20.91 3.06
N VAL C 38 7.44 21.22 2.33
CA VAL C 38 7.77 22.64 2.00
C VAL C 38 6.62 23.12 1.13
N LEU C 39 6.13 22.27 0.26
CA LEU C 39 5.12 22.71 -0.72
C LEU C 39 3.91 23.20 0.09
N ARG C 40 3.44 22.38 1.00
CA ARG C 40 2.18 22.67 1.73
C ARG C 40 2.42 23.90 2.62
N SER C 41 3.61 24.01 3.18
CA SER C 41 3.85 25.12 4.08
C SER C 41 3.80 26.39 3.21
N LEU C 42 4.27 26.35 1.97
CA LEU C 42 4.23 27.54 1.09
C LEU C 42 2.78 27.87 0.69
N VAL C 43 1.93 26.85 0.52
CA VAL C 43 0.53 27.06 0.07
C VAL C 43 -0.28 27.71 1.21
N GLU C 44 -0.08 27.29 2.44
CA GLU C 44 -0.65 27.88 3.68
C GLU C 44 -0.22 29.33 3.79
N ALA C 45 1.03 29.66 3.48
CA ALA C 45 1.59 31.03 3.64
C ALA C 45 1.15 31.94 2.49
N SER C 46 0.41 31.45 1.48
CA SER C 46 0.08 32.24 0.27
C SER C 46 -1.27 32.91 0.49
N SER C 47 -1.32 34.24 0.61
CA SER C 47 -2.61 35.01 0.58
C SER C 47 -2.39 36.43 0.05
N SER C 48 -3.47 37.18 -0.07
CA SER C 48 -3.48 38.55 -0.62
C SER C 48 -2.34 39.34 0.05
N GLY C 49 -1.49 39.92 -0.77
CA GLY C 49 -0.46 40.86 -0.30
C GLY C 49 0.84 40.20 0.07
N VAL C 50 0.98 38.85 0.04
CA VAL C 50 2.35 38.30 0.25
C VAL C 50 3.17 38.37 -1.05
N SER C 51 4.47 38.53 -0.82
CA SER C 51 5.52 38.73 -1.85
C SER C 51 5.93 37.34 -2.39
N VAL C 52 5.83 37.14 -3.70
CA VAL C 52 6.34 35.91 -4.35
C VAL C 52 7.84 35.77 -4.04
N LEU C 53 8.58 36.87 -4.09
CA LEU C 53 10.02 36.84 -3.74
C LEU C 53 10.18 36.12 -2.40
N SER C 54 9.38 36.46 -1.39
CA SER C 54 9.62 35.95 -0.01
C SER C 54 9.18 34.49 0.07
N LEU C 55 8.10 34.12 -0.62
CA LEU C 55 7.70 32.71 -0.73
C LEU C 55 8.85 31.90 -1.35
N CYS C 56 9.46 32.37 -2.43
CA CYS C 56 10.63 31.69 -3.07
C CYS C 56 11.79 31.60 -2.07
N GLU C 57 12.10 32.66 -1.33
CA GLU C 57 13.17 32.65 -0.30
C GLU C 57 12.80 31.64 0.79
N LYS C 58 11.52 31.61 1.20
CA LYS C 58 11.05 30.75 2.31
C LYS C 58 11.20 29.27 1.90
N GLY C 59 10.78 28.93 0.70
CA GLY C 59 10.85 27.54 0.19
C GLY C 59 12.28 27.02 0.21
N ASP C 60 13.17 27.77 -0.41
CA ASP C 60 14.58 27.40 -0.63
C ASP C 60 15.25 27.21 0.74
N ALA C 61 14.87 28.01 1.74
CA ALA C 61 15.44 28.01 3.11
C ALA C 61 14.88 26.83 3.88
N MET C 62 13.57 26.55 3.70
CA MET C 62 12.90 25.36 4.30
C MET C 62 13.52 24.10 3.69
N ILE C 63 13.78 24.05 2.38
CA ILE C 63 14.42 22.84 1.80
C ILE C 63 15.80 22.63 2.47
N MET C 64 16.56 23.72 2.64
CA MET C 64 17.94 23.63 3.22
C MET C 64 17.87 23.22 4.72
N GLU C 65 16.95 23.80 5.48
CA GLU C 65 16.79 23.43 6.91
C GLU C 65 16.42 21.92 6.99
N GLU C 66 15.46 21.44 6.19
CA GLU C 66 14.84 20.10 6.32
C GLU C 66 15.87 19.04 5.94
N THR C 67 16.59 19.29 4.84
CA THR C 67 17.65 18.42 4.31
C THR C 67 18.84 18.52 5.26
N GLY C 68 19.04 19.64 5.93
CA GLY C 68 20.05 19.73 7.00
C GLY C 68 19.85 18.77 8.17
N LYS C 69 18.62 18.43 8.52
CA LYS C 69 18.25 17.60 9.71
C LYS C 69 18.33 16.08 9.44
N ILE C 70 18.34 15.66 8.17
CA ILE C 70 18.30 14.21 7.86
C ILE C 70 19.71 13.68 7.57
N PHE C 71 19.93 12.42 7.90
CA PHE C 71 21.11 11.61 7.54
C PHE C 71 22.36 12.38 7.99
N LYS C 72 22.34 12.87 9.23
CA LYS C 72 23.42 13.73 9.75
C LYS C 72 24.58 12.85 10.21
N LYS C 73 24.35 11.58 10.57
CA LYS C 73 25.51 10.67 10.81
C LYS C 73 26.33 10.62 9.53
N GLU C 74 25.74 10.84 8.37
CA GLU C 74 26.44 10.78 7.05
C GLU C 74 26.90 12.20 6.70
N LYS C 75 27.99 12.68 7.33
CA LYS C 75 28.51 14.09 7.23
C LYS C 75 28.82 14.47 5.77
N GLU C 76 29.12 13.47 4.95
CA GLU C 76 29.73 13.58 3.61
C GLU C 76 28.64 13.73 2.53
N MET C 77 27.38 13.36 2.83
CA MET C 77 26.28 13.22 1.83
C MET C 77 25.79 14.59 1.39
N LYS C 78 25.81 14.83 0.09
CA LYS C 78 25.24 16.04 -0.53
C LYS C 78 23.71 15.89 -0.42
N LYS C 79 23.02 16.99 -0.17
CA LYS C 79 21.54 17.03 -0.07
C LYS C 79 21.11 18.49 -0.19
N GLY C 80 20.01 18.82 -0.88
CA GLY C 80 19.45 20.17 -0.81
C GLY C 80 18.46 20.44 -1.92
N ILE C 81 18.56 21.59 -2.57
CA ILE C 81 17.63 22.01 -3.63
C ILE C 81 17.98 21.27 -4.92
N ALA C 82 16.96 20.66 -5.51
CA ALA C 82 17.02 20.04 -6.85
C ALA C 82 16.31 20.97 -7.83
N PHE C 83 15.34 21.76 -7.37
CA PHE C 83 14.74 22.76 -8.28
C PHE C 83 14.31 23.95 -7.44
N PRO C 84 14.89 25.13 -7.60
CA PRO C 84 14.62 26.21 -6.67
C PRO C 84 13.15 26.58 -6.80
N THR C 85 12.53 26.97 -5.69
CA THR C 85 11.14 27.39 -5.60
C THR C 85 10.79 28.43 -6.67
N SER C 86 9.79 28.15 -7.47
CA SER C 86 9.24 29.05 -8.50
C SER C 86 7.73 29.16 -8.30
N ILE C 87 7.20 30.36 -8.45
CA ILE C 87 5.78 30.69 -8.25
C ILE C 87 5.28 31.49 -9.45
N SER C 88 4.56 30.83 -10.35
CA SER C 88 4.25 31.31 -11.71
C SER C 88 2.75 31.55 -11.73
N VAL C 89 2.33 32.80 -11.82
CA VAL C 89 0.94 33.18 -11.48
C VAL C 89 0.16 33.34 -12.78
N ASN C 90 -1.11 33.00 -12.78
CA ASN C 90 -2.01 33.25 -13.94
C ASN C 90 -1.37 32.74 -15.23
N ASN C 91 -1.02 33.60 -16.19
CA ASN C 91 -0.66 33.16 -17.58
C ASN C 91 0.84 32.83 -17.65
N CYS C 92 1.58 33.19 -16.63
CA CYS C 92 2.99 32.78 -16.49
C CYS C 92 3.01 31.25 -16.50
N VAL C 93 3.86 30.55 -17.27
CA VAL C 93 3.77 29.06 -17.31
C VAL C 93 4.70 28.44 -16.26
N CYS C 94 5.87 29.00 -15.96
CA CYS C 94 6.87 28.32 -15.11
C CYS C 94 8.14 29.18 -14.88
N HIS C 95 8.90 28.86 -13.86
CA HIS C 95 10.33 29.21 -13.71
C HIS C 95 10.53 30.65 -13.21
N PHE C 96 9.49 31.29 -12.69
CA PHE C 96 9.55 32.67 -12.11
C PHE C 96 10.07 32.58 -10.68
N SER C 97 11.35 32.92 -10.44
CA SER C 97 12.01 33.05 -9.12
C SER C 97 12.78 34.36 -9.17
N PRO C 98 12.12 35.48 -8.81
CA PRO C 98 12.69 36.80 -8.97
C PRO C 98 13.93 36.96 -8.11
N LEU C 99 14.93 37.63 -8.69
CA LEU C 99 16.04 38.34 -7.97
C LEU C 99 15.47 39.43 -7.07
N LYS C 100 16.12 39.63 -5.93
CA LYS C 100 15.88 40.74 -4.98
C LYS C 100 16.00 42.10 -5.69
N SER C 101 16.83 42.20 -6.73
CA SER C 101 17.13 43.46 -7.49
C SER C 101 16.24 43.64 -8.74
N ASP C 102 15.45 42.63 -9.12
CA ASP C 102 14.36 42.66 -10.15
C ASP C 102 13.00 43.09 -9.56
N GLN C 103 11.96 43.04 -10.38
CA GLN C 103 10.57 43.29 -9.95
C GLN C 103 10.06 42.10 -9.14
N ASP C 104 9.47 42.37 -7.97
CA ASP C 104 8.67 41.42 -7.17
C ASP C 104 7.28 41.35 -7.80
N TYR C 105 6.41 40.49 -7.24
CA TYR C 105 4.99 40.35 -7.59
C TYR C 105 4.25 40.02 -6.29
N ILE C 106 3.17 40.76 -6.05
CA ILE C 106 2.30 40.66 -4.86
C ILE C 106 1.04 39.89 -5.27
N LEU C 107 0.79 38.79 -4.58
CA LEU C 107 -0.42 37.97 -4.76
C LEU C 107 -1.66 38.83 -4.49
N LYS C 108 -2.70 38.66 -5.31
CA LYS C 108 -4.09 39.17 -5.16
C LYS C 108 -5.06 38.01 -4.91
N GLU C 109 -6.20 38.26 -4.27
CA GLU C 109 -7.33 37.30 -4.20
C GLU C 109 -7.68 36.83 -5.61
N GLY C 110 -7.81 35.53 -5.83
CA GLY C 110 -8.30 34.98 -7.11
C GLY C 110 -7.19 34.78 -8.13
N ASP C 111 -5.96 35.21 -7.83
CA ASP C 111 -4.74 34.75 -8.55
C ASP C 111 -4.68 33.21 -8.52
N LEU C 112 -4.46 32.63 -9.69
CA LEU C 112 -4.11 31.22 -9.89
C LEU C 112 -2.57 31.13 -9.71
N VAL C 113 -2.10 30.28 -8.79
CA VAL C 113 -0.67 30.18 -8.39
C VAL C 113 -0.18 28.75 -8.69
N LYS C 114 0.95 28.62 -9.39
CA LYS C 114 1.65 27.32 -9.53
C LYS C 114 2.91 27.44 -8.68
N ILE C 115 3.14 26.51 -7.76
CA ILE C 115 4.37 26.41 -6.93
C ILE C 115 5.06 25.13 -7.36
N ASP C 116 6.24 25.31 -7.93
CA ASP C 116 7.14 24.27 -8.42
C ASP C 116 8.38 24.30 -7.53
N LEU C 117 8.82 23.15 -7.02
CA LEU C 117 10.12 23.04 -6.35
C LEU C 117 10.62 21.59 -6.35
N GLY C 118 11.91 21.38 -6.15
CA GLY C 118 12.47 20.03 -6.05
C GLY C 118 13.48 19.93 -4.92
N VAL C 119 13.62 18.73 -4.36
CA VAL C 119 14.54 18.38 -3.27
C VAL C 119 15.40 17.24 -3.78
N HIS C 120 16.66 17.17 -3.38
CA HIS C 120 17.49 15.96 -3.66
C HIS C 120 18.20 15.48 -2.41
N VAL C 121 18.43 14.18 -2.31
CA VAL C 121 19.18 13.49 -1.26
C VAL C 121 20.19 12.60 -1.98
N ASP C 122 21.49 12.91 -1.87
CA ASP C 122 22.62 12.20 -2.56
C ASP C 122 22.31 12.09 -4.05
N GLY C 123 21.78 13.15 -4.65
CA GLY C 123 21.47 13.21 -6.09
C GLY C 123 20.12 12.62 -6.46
N PHE C 124 19.41 11.94 -5.56
CA PHE C 124 18.10 11.34 -5.95
C PHE C 124 17.06 12.43 -5.79
N ILE C 125 16.36 12.75 -6.87
CA ILE C 125 15.52 13.98 -6.98
C ILE C 125 14.03 13.67 -6.75
N ALA C 126 13.34 14.47 -5.94
CA ALA C 126 11.88 14.48 -5.76
C ALA C 126 11.39 15.86 -6.12
N ASN C 127 10.66 15.96 -7.22
CA ASN C 127 10.13 17.21 -7.84
C ASN C 127 8.61 17.22 -7.58
N VAL C 128 8.02 18.38 -7.30
CA VAL C 128 6.55 18.50 -7.13
C VAL C 128 6.05 19.85 -7.63
N ALA C 129 4.80 19.92 -8.05
CA ALA C 129 4.23 21.26 -8.32
C ALA C 129 2.72 21.19 -8.16
N HIS C 130 2.10 22.30 -7.81
CA HIS C 130 0.66 22.28 -7.42
C HIS C 130 0.06 23.64 -7.73
N THR C 131 -1.21 23.66 -8.13
CA THR C 131 -1.98 24.87 -8.48
C THR C 131 -3.08 25.01 -7.44
N PHE C 132 -3.26 26.23 -6.94
CA PHE C 132 -4.40 26.68 -6.10
C PHE C 132 -4.74 28.11 -6.49
N VAL C 133 -5.86 28.58 -5.96
CA VAL C 133 -6.30 29.98 -6.17
C VAL C 133 -6.18 30.71 -4.83
N VAL C 134 -5.72 31.96 -4.85
CA VAL C 134 -5.45 32.73 -3.59
C VAL C 134 -6.76 33.17 -2.91
N ASP C 135 -6.80 32.90 -1.61
CA ASP C 135 -7.89 33.30 -0.69
C ASP C 135 -9.23 32.95 -1.32
N VAL C 136 -9.55 31.67 -1.47
CA VAL C 136 -10.94 31.29 -1.89
C VAL C 136 -11.82 31.39 -0.64
N ALA C 137 -12.71 32.39 -0.63
CA ALA C 137 -13.68 32.67 0.46
C ALA C 137 -14.25 31.35 1.00
N GLN C 138 -14.30 31.15 2.34
CA GLN C 138 -14.74 29.87 2.95
C GLN C 138 -16.16 29.56 2.47
N GLY C 139 -16.43 28.33 2.00
CA GLY C 139 -17.78 27.85 1.57
C GLY C 139 -18.05 28.11 0.09
N THR C 140 -17.22 28.94 -0.54
CA THR C 140 -17.17 29.25 -1.99
C THR C 140 -16.54 28.08 -2.74
N GLN C 141 -16.73 28.07 -4.04
CA GLN C 141 -16.11 27.13 -4.99
C GLN C 141 -15.49 28.01 -6.07
N VAL C 142 -14.25 27.74 -6.49
CA VAL C 142 -13.75 28.31 -7.77
C VAL C 142 -14.68 27.82 -8.90
N THR C 143 -14.78 28.67 -9.92
CA THR C 143 -15.80 28.73 -10.99
C THR C 143 -15.13 29.17 -12.29
N GLY C 144 -15.70 28.82 -13.43
CA GLY C 144 -15.27 29.42 -14.70
C GLY C 144 -13.93 28.88 -15.17
N ARG C 145 -13.21 29.64 -15.99
CA ARG C 145 -12.01 29.14 -16.72
C ARG C 145 -10.98 28.63 -15.72
N LYS C 146 -10.88 29.22 -14.54
CA LYS C 146 -9.87 28.81 -13.54
C LYS C 146 -10.16 27.36 -13.11
N ALA C 147 -11.41 27.03 -12.85
CA ALA C 147 -11.85 25.68 -12.46
C ALA C 147 -11.67 24.69 -13.63
N ASP C 148 -11.96 25.15 -14.83
CA ASP C 148 -11.91 24.33 -16.06
C ASP C 148 -10.48 23.78 -16.13
N VAL C 149 -9.53 24.70 -16.14
CA VAL C 149 -8.11 24.37 -16.38
C VAL C 149 -7.49 23.67 -15.16
N ILE C 150 -7.90 23.97 -13.92
CA ILE C 150 -7.36 23.25 -12.73
C ILE C 150 -7.93 21.83 -12.74
N LYS C 151 -9.20 21.64 -13.04
CA LYS C 151 -9.81 20.29 -13.08
C LYS C 151 -9.07 19.51 -14.18
N ALA C 152 -8.83 20.13 -15.34
CA ALA C 152 -8.24 19.47 -16.52
C ALA C 152 -6.84 18.93 -16.22
N ALA C 153 -6.00 19.83 -15.70
CA ALA C 153 -4.60 19.58 -15.36
C ALA C 153 -4.53 18.47 -14.32
N HIS C 154 -5.41 18.51 -13.34
CA HIS C 154 -5.49 17.45 -12.31
C HIS C 154 -5.87 16.11 -12.94
N LEU C 155 -6.88 16.07 -13.79
CA LEU C 155 -7.36 14.78 -14.28
C LEU C 155 -6.30 14.29 -15.27
N CYS C 156 -5.55 15.20 -15.87
CA CYS C 156 -4.37 14.80 -16.68
C CYS C 156 -3.34 14.14 -15.74
N ALA C 157 -3.10 14.68 -14.56
CA ALA C 157 -2.19 14.03 -13.59
C ALA C 157 -2.76 12.69 -13.12
N GLU C 158 -4.07 12.60 -12.84
CA GLU C 158 -4.64 11.32 -12.39
C GLU C 158 -4.46 10.28 -13.51
N ALA C 159 -4.55 10.70 -14.77
CA ALA C 159 -4.53 9.77 -15.91
C ALA C 159 -3.11 9.20 -16.06
N ALA C 160 -2.12 10.09 -16.07
CA ALA C 160 -0.67 9.78 -16.04
C ALA C 160 -0.34 8.85 -14.86
N LEU C 161 -0.79 9.16 -13.67
CA LEU C 161 -0.45 8.28 -12.51
C LEU C 161 -0.83 6.83 -12.85
N ARG C 162 -1.86 6.63 -13.66
CA ARG C 162 -2.39 5.28 -13.98
C ARG C 162 -1.82 4.74 -15.31
N LEU C 163 -1.22 5.58 -16.14
CA LEU C 163 -0.74 5.21 -17.50
C LEU C 163 0.79 5.14 -17.53
N VAL C 164 1.46 5.89 -16.67
CA VAL C 164 2.93 5.82 -16.60
C VAL C 164 3.28 4.60 -15.77
N LYS C 165 3.34 3.43 -16.40
CA LYS C 165 3.60 2.14 -15.70
C LYS C 165 4.30 1.16 -16.66
N PRO C 166 5.08 0.15 -16.19
CA PRO C 166 5.94 -0.61 -17.09
C PRO C 166 5.13 -1.26 -18.22
N GLY C 167 5.57 -1.11 -19.46
CA GLY C 167 5.00 -1.79 -20.61
C GLY C 167 4.24 -0.83 -21.47
N ASN C 168 3.88 0.32 -20.92
CA ASN C 168 3.12 1.33 -21.64
C ASN C 168 4.09 2.26 -22.37
N GLN C 169 3.56 3.08 -23.26
CA GLN C 169 4.37 3.99 -24.11
C GLN C 169 4.10 5.44 -23.71
N ASN C 170 5.10 6.29 -23.89
CA ASN C 170 4.94 7.71 -23.61
C ASN C 170 3.76 8.17 -24.45
N THR C 171 3.64 7.68 -25.67
CA THR C 171 2.62 8.20 -26.63
C THR C 171 1.19 8.04 -26.06
N GLN C 172 0.89 7.00 -25.26
CA GLN C 172 -0.50 6.73 -24.77
C GLN C 172 -0.88 7.84 -23.77
N VAL C 173 0.13 8.36 -23.07
CA VAL C 173 -0.01 9.42 -22.05
C VAL C 173 -0.29 10.73 -22.77
N THR C 174 0.56 11.13 -23.71
CA THR C 174 0.34 12.29 -24.62
C THR C 174 -1.13 12.32 -25.12
N GLU C 175 -1.67 11.16 -25.48
CA GLU C 175 -2.94 11.09 -26.24
C GLU C 175 -4.12 11.25 -25.26
N ALA C 176 -3.98 10.66 -24.07
CA ALA C 176 -4.95 10.76 -22.95
C ALA C 176 -5.05 12.21 -22.46
N TRP C 177 -3.94 12.91 -22.30
CA TRP C 177 -3.90 14.33 -21.89
C TRP C 177 -4.67 15.19 -22.89
N ASN C 178 -4.47 14.95 -24.18
CA ASN C 178 -5.21 15.70 -25.23
C ASN C 178 -6.73 15.52 -25.03
N LYS C 179 -7.26 14.31 -24.82
CA LYS C 179 -8.73 14.14 -24.67
C LYS C 179 -9.21 14.63 -23.30
N VAL C 180 -8.44 14.40 -22.24
CA VAL C 180 -8.86 14.92 -20.91
C VAL C 180 -8.89 16.44 -20.99
N ALA C 181 -7.85 17.07 -21.47
CA ALA C 181 -7.85 18.55 -21.50
C ALA C 181 -8.89 19.13 -22.51
N HIS C 182 -9.12 18.55 -23.70
CA HIS C 182 -10.22 18.98 -24.63
C HIS C 182 -11.59 18.88 -23.91
N SER C 183 -11.80 17.98 -22.95
CA SER C 183 -13.10 17.82 -22.27
C SER C 183 -13.42 19.13 -21.55
N PHE C 184 -12.42 19.94 -21.22
CA PHE C 184 -12.66 21.21 -20.48
C PHE C 184 -12.38 22.41 -21.38
N ASN C 185 -12.41 22.23 -22.71
CA ASN C 185 -11.92 23.21 -23.73
C ASN C 185 -10.57 23.81 -23.31
N CYS C 186 -9.66 23.00 -22.74
CA CYS C 186 -8.30 23.43 -22.38
C CYS C 186 -7.30 22.64 -23.24
N THR C 187 -6.06 23.10 -23.28
CA THR C 187 -5.03 22.54 -24.19
C THR C 187 -3.70 22.34 -23.46
N PRO C 188 -3.11 21.14 -23.46
CA PRO C 188 -1.78 20.98 -22.90
C PRO C 188 -0.82 21.87 -23.68
N ILE C 189 0.06 22.58 -23.00
CA ILE C 189 1.03 23.46 -23.69
C ILE C 189 1.97 22.62 -24.53
N GLU C 190 2.10 22.95 -25.80
CA GLU C 190 2.76 22.06 -26.78
C GLU C 190 4.29 22.06 -26.54
N GLY C 191 4.91 20.89 -26.66
CA GLY C 191 6.38 20.75 -26.56
C GLY C 191 6.89 20.40 -25.16
N MET C 192 6.13 20.72 -24.11
CA MET C 192 6.56 20.62 -22.70
C MET C 192 7.00 19.19 -22.42
N LEU C 193 8.05 18.97 -21.65
CA LEU C 193 8.60 17.62 -21.45
C LEU C 193 8.44 17.17 -19.99
N SER C 194 8.13 15.88 -19.75
CA SER C 194 8.23 15.15 -18.46
C SER C 194 9.45 14.22 -18.49
N HIS C 195 10.47 14.39 -17.65
CA HIS C 195 11.78 13.73 -17.83
C HIS C 195 11.89 12.49 -16.94
N GLN C 196 12.58 11.47 -17.42
CA GLN C 196 13.14 10.40 -16.57
C GLN C 196 14.14 11.09 -15.65
N LEU C 197 14.18 10.66 -14.38
CA LEU C 197 15.18 11.11 -13.35
C LEU C 197 16.18 9.98 -13.12
N LYS C 198 17.43 10.34 -12.90
CA LYS C 198 18.40 9.36 -12.40
C LYS C 198 19.24 10.12 -11.38
N GLN C 199 20.11 9.40 -10.69
CA GLN C 199 20.99 10.03 -9.68
C GLN C 199 21.76 11.15 -10.36
N HIS C 200 21.69 12.36 -9.82
CA HIS C 200 22.33 13.61 -10.32
C HIS C 200 21.77 14.06 -11.66
N VAL C 201 20.66 13.52 -12.17
CA VAL C 201 20.17 13.93 -13.53
C VAL C 201 18.68 14.29 -13.48
N ILE C 202 18.37 15.59 -13.55
CA ILE C 202 16.99 16.11 -13.47
C ILE C 202 16.29 16.08 -14.83
N ASP C 203 17.05 15.82 -15.89
CA ASP C 203 16.69 16.09 -17.30
C ASP C 203 17.07 14.87 -18.17
N GLY C 204 16.64 13.66 -17.77
CA GLY C 204 16.88 12.42 -18.53
C GLY C 204 16.42 12.56 -19.96
N GLU C 205 17.02 11.81 -20.87
CA GLU C 205 16.67 11.95 -22.31
C GLU C 205 15.30 11.32 -22.52
N LYS C 206 14.96 10.30 -21.72
CA LYS C 206 13.71 9.55 -21.92
C LYS C 206 12.52 10.40 -21.39
N THR C 207 11.57 10.80 -22.25
CA THR C 207 10.62 11.86 -21.91
C THR C 207 9.17 11.55 -22.33
N ILE C 208 8.20 12.13 -21.62
CA ILE C 208 6.80 12.28 -22.10
C ILE C 208 6.65 13.72 -22.56
N ILE C 209 6.19 13.88 -23.82
CA ILE C 209 5.95 15.19 -24.49
C ILE C 209 4.45 15.51 -24.42
N GLN C 210 4.09 16.78 -24.32
CA GLN C 210 2.66 17.22 -24.32
C GLN C 210 2.29 17.71 -25.72
N ASN C 211 1.17 17.26 -26.26
CA ASN C 211 0.47 17.98 -27.36
C ASN C 211 1.47 18.50 -28.36
N PRO C 212 2.34 17.59 -28.88
CA PRO C 212 3.44 18.00 -29.74
C PRO C 212 2.88 18.47 -31.08
N THR C 213 3.57 19.40 -31.72
CA THR C 213 3.42 19.79 -33.14
C THR C 213 3.92 18.64 -34.02
N ASP C 214 3.65 18.66 -35.33
CA ASP C 214 4.13 17.63 -36.30
C ASP C 214 5.68 17.66 -36.32
N GLN C 215 6.32 18.84 -36.21
CA GLN C 215 7.80 18.88 -36.15
C GLN C 215 8.23 18.19 -34.86
N GLN C 216 7.70 18.64 -33.70
CA GLN C 216 8.10 18.16 -32.34
C GLN C 216 7.91 16.63 -32.23
N LYS C 217 6.84 16.08 -32.83
CA LYS C 217 6.54 14.62 -32.96
C LYS C 217 7.77 13.91 -33.53
N LYS C 218 8.28 14.36 -34.68
CA LYS C 218 9.42 13.74 -35.41
C LYS C 218 10.72 14.05 -34.64
N ASP C 219 10.77 15.15 -33.87
CA ASP C 219 11.94 15.54 -33.02
C ASP C 219 12.04 14.70 -31.72
N HIS C 220 11.12 13.77 -31.47
CA HIS C 220 10.88 13.22 -30.12
C HIS C 220 10.68 11.73 -30.23
N GLU C 221 11.26 10.96 -29.31
CA GLU C 221 11.39 9.49 -29.44
C GLU C 221 10.29 8.82 -28.62
N LYS C 222 9.47 8.02 -29.29
CA LYS C 222 8.56 7.04 -28.65
C LYS C 222 9.47 6.23 -27.74
N ALA C 223 8.94 5.88 -26.58
CA ALA C 223 9.71 5.16 -25.55
C ALA C 223 8.72 4.30 -24.79
N GLU C 224 9.16 3.23 -24.15
CA GLU C 224 8.31 2.36 -23.31
C GLU C 224 8.81 2.47 -21.87
N PHE C 225 7.90 2.67 -20.91
CA PHE C 225 8.27 2.82 -19.46
C PHE C 225 8.73 1.44 -19.00
N GLU C 226 9.72 1.37 -18.12
CA GLU C 226 10.23 0.06 -17.62
C GLU C 226 10.35 0.12 -16.10
N VAL C 227 10.20 -1.04 -15.45
CA VAL C 227 10.30 -1.15 -13.98
C VAL C 227 11.65 -0.59 -13.55
N HIS C 228 11.76 -0.05 -12.33
CA HIS C 228 13.00 0.60 -11.82
C HIS C 228 13.21 2.03 -12.37
N GLU C 229 12.32 2.57 -13.19
CA GLU C 229 12.55 3.94 -13.70
C GLU C 229 11.83 4.91 -12.77
N VAL C 230 12.27 6.15 -12.77
CA VAL C 230 11.66 7.29 -12.02
C VAL C 230 11.28 8.34 -13.06
N TYR C 231 10.09 8.94 -12.99
CA TYR C 231 9.69 10.10 -13.85
C TYR C 231 9.18 11.22 -12.94
N ALA C 232 9.61 12.44 -13.21
CA ALA C 232 8.89 13.62 -12.74
C ALA C 232 7.82 13.91 -13.80
N VAL C 233 6.67 13.33 -13.65
CA VAL C 233 5.52 13.66 -14.52
C VAL C 233 5.09 15.11 -14.32
N ASP C 234 4.93 15.88 -15.41
CA ASP C 234 4.75 17.33 -15.30
C ASP C 234 3.59 17.77 -16.19
N VAL C 235 2.43 18.06 -15.62
CA VAL C 235 1.24 18.52 -16.39
C VAL C 235 1.12 20.05 -16.34
N LEU C 236 1.11 20.68 -17.50
CA LEU C 236 0.92 22.14 -17.75
C LEU C 236 -0.18 22.31 -18.79
N VAL C 237 -1.37 22.68 -18.34
CA VAL C 237 -2.53 22.83 -19.25
C VAL C 237 -2.96 24.31 -19.26
N SER C 238 -3.31 24.81 -20.44
CA SER C 238 -3.70 26.22 -20.70
C SER C 238 -5.19 26.30 -21.05
N SER C 239 -5.77 27.43 -20.72
CA SER C 239 -7.18 27.77 -21.04
C SER C 239 -7.24 28.35 -22.46
N GLY C 240 -6.09 28.68 -23.03
CA GLY C 240 -5.96 29.30 -24.35
C GLY C 240 -5.35 28.35 -25.37
N GLU C 241 -4.77 28.97 -26.39
CA GLU C 241 -3.85 28.50 -27.47
C GLU C 241 -3.12 27.22 -27.05
N GLY C 242 -2.31 27.28 -25.98
CA GLY C 242 -1.39 26.19 -25.57
C GLY C 242 -0.01 26.37 -26.18
N LYS C 243 0.29 27.55 -26.71
CA LYS C 243 1.66 28.01 -27.04
C LYS C 243 2.12 28.82 -25.84
N ALA C 244 3.40 28.71 -25.50
CA ALA C 244 4.11 29.49 -24.47
C ALA C 244 5.20 30.31 -25.17
N LYS C 245 5.12 31.63 -25.12
CA LYS C 245 6.05 32.55 -25.85
C LYS C 245 6.95 33.27 -24.82
N ASP C 246 8.22 33.52 -25.16
CA ASP C 246 9.11 34.40 -24.36
C ASP C 246 8.48 35.80 -24.34
N ALA C 247 8.45 36.49 -23.18
CA ALA C 247 8.01 37.90 -23.04
C ALA C 247 9.16 38.73 -22.44
N GLY C 248 10.40 38.33 -22.76
CA GLY C 248 11.66 38.74 -22.11
C GLY C 248 11.51 39.06 -20.63
N GLN C 249 11.07 38.13 -19.78
CA GLN C 249 11.42 38.22 -18.33
C GLN C 249 12.87 37.75 -18.21
N ARG C 250 13.69 38.37 -17.38
CA ARG C 250 15.02 37.78 -17.09
C ARG C 250 14.82 36.39 -16.51
N THR C 251 15.72 35.55 -16.97
CA THR C 251 15.89 34.15 -16.58
C THR C 251 16.84 34.10 -15.37
N THR C 252 16.33 33.48 -14.30
CA THR C 252 16.89 33.44 -12.93
C THR C 252 17.45 32.05 -12.64
N ILE C 253 17.06 31.04 -13.43
CA ILE C 253 17.34 29.61 -13.12
C ILE C 253 18.09 28.96 -14.28
N TYR C 254 19.24 28.42 -13.97
CA TYR C 254 20.21 27.82 -14.90
C TYR C 254 20.66 26.49 -14.27
N LYS C 255 21.27 25.60 -15.06
CA LYS C 255 21.88 24.32 -14.65
C LYS C 255 23.22 24.16 -15.37
N ARG C 256 24.29 23.79 -14.67
CA ARG C 256 25.56 23.31 -15.30
C ARG C 256 25.22 22.13 -16.25
N ASP C 257 25.89 22.03 -17.39
CA ASP C 257 25.60 20.99 -18.41
C ASP C 257 26.82 20.09 -18.40
N PRO C 258 26.85 18.96 -17.65
CA PRO C 258 28.12 18.26 -17.41
C PRO C 258 28.73 17.63 -18.69
N SER C 259 28.03 17.69 -19.85
CA SER C 259 28.52 17.15 -21.14
C SER C 259 29.35 18.20 -21.93
N LYS C 260 30.16 19.04 -21.27
CA LYS C 260 30.68 20.30 -21.89
C LYS C 260 31.94 20.84 -21.20
N GLN C 261 32.96 21.24 -21.97
CA GLN C 261 34.16 21.93 -21.41
C GLN C 261 34.37 23.32 -22.06
N TYR C 262 35.12 24.17 -21.34
CA TYR C 262 35.55 25.54 -21.75
C TYR C 262 36.35 26.21 -20.61
N GLY C 263 37.59 26.64 -20.94
CA GLY C 263 38.57 27.21 -19.99
C GLY C 263 38.09 28.53 -19.43
N LEU C 264 37.27 29.24 -20.21
CA LEU C 264 36.39 30.36 -19.74
C LEU C 264 37.14 31.69 -19.91
N LYS C 265 38.24 31.87 -19.15
CA LYS C 265 39.27 32.96 -19.21
C LYS C 265 38.90 34.13 -18.26
N MET C 266 37.91 35.00 -18.56
CA MET C 266 37.61 36.23 -17.76
C MET C 266 37.53 35.84 -16.28
N LYS C 267 38.05 36.67 -15.37
CA LYS C 267 38.34 36.27 -13.96
C LYS C 267 37.04 36.13 -13.13
N THR C 268 36.05 37.04 -13.28
CA THR C 268 34.71 36.98 -12.62
C THR C 268 33.99 35.68 -13.05
N SER C 269 33.99 35.43 -14.36
CA SER C 269 33.36 34.26 -15.03
C SER C 269 33.81 32.95 -14.39
N ARG C 270 35.10 32.79 -14.13
CA ARG C 270 35.68 31.48 -13.71
C ARG C 270 35.37 31.23 -12.23
N ALA C 271 35.39 32.27 -11.39
CA ALA C 271 35.12 32.16 -9.93
C ALA C 271 33.59 32.16 -9.71
N PHE C 272 32.81 32.68 -10.67
CA PHE C 272 31.35 32.44 -10.75
C PHE C 272 31.05 30.93 -10.95
N PHE C 273 31.44 30.35 -12.11
CA PHE C 273 31.23 28.93 -12.49
C PHE C 273 31.94 27.99 -11.50
N SER C 274 33.04 28.42 -10.88
CA SER C 274 33.67 27.71 -9.74
C SER C 274 32.65 27.62 -8.61
N GLU C 275 31.89 28.68 -8.37
CA GLU C 275 30.84 28.68 -7.32
C GLU C 275 29.70 27.72 -7.72
N VAL C 276 29.26 27.70 -8.99
CA VAL C 276 28.06 26.88 -9.30
C VAL C 276 28.47 25.40 -9.17
N GLU C 277 29.70 25.03 -9.54
CA GLU C 277 30.21 23.64 -9.40
C GLU C 277 30.36 23.26 -7.92
N ARG C 278 30.87 24.17 -7.10
CA ARG C 278 31.05 23.87 -5.65
C ARG C 278 29.66 23.69 -5.04
N ARG C 279 28.70 24.60 -5.27
CA ARG C 279 27.44 24.71 -4.46
C ARG C 279 26.31 23.83 -5.03
N PHE C 280 26.13 23.78 -6.35
CA PHE C 280 24.90 23.29 -7.03
C PHE C 280 25.21 22.06 -7.93
N ASP C 281 26.50 21.79 -8.17
CA ASP C 281 26.97 20.65 -9.01
C ASP C 281 26.10 20.62 -10.27
N ALA C 282 25.15 19.68 -10.38
CA ALA C 282 24.45 19.47 -11.66
C ALA C 282 23.00 19.95 -11.57
N MET C 283 22.57 20.51 -10.43
CA MET C 283 21.13 20.78 -10.14
C MET C 283 20.79 22.20 -10.54
N PRO C 284 19.59 22.49 -11.06
CA PRO C 284 19.20 23.89 -11.29
C PRO C 284 19.40 24.76 -10.05
N PHE C 285 19.61 26.06 -10.24
CA PHE C 285 19.89 27.04 -9.17
C PHE C 285 19.31 28.38 -9.61
N THR C 286 19.05 29.31 -8.67
CA THR C 286 18.59 30.70 -8.93
C THR C 286 19.78 31.63 -8.65
N LEU C 287 19.86 32.72 -9.41
CA LEU C 287 20.94 33.72 -9.30
C LEU C 287 20.75 34.42 -7.97
N ARG C 288 19.52 34.39 -7.45
CA ARG C 288 19.15 35.02 -6.17
C ARG C 288 19.96 34.41 -5.03
N ALA C 289 20.48 33.20 -5.20
CA ALA C 289 21.21 32.46 -4.16
C ALA C 289 22.66 32.95 -4.01
N PHE C 290 23.07 33.97 -4.73
CA PHE C 290 24.45 34.47 -4.65
C PHE C 290 24.51 35.69 -3.74
N GLU C 291 25.62 35.82 -3.04
CA GLU C 291 26.12 37.02 -2.33
C GLU C 291 25.88 38.28 -3.17
N ASP C 292 26.27 38.29 -4.45
CA ASP C 292 26.11 39.50 -5.31
C ASP C 292 25.39 39.09 -6.58
N GLU C 293 24.10 39.48 -6.70
CA GLU C 293 23.21 39.16 -7.84
C GLU C 293 23.74 39.81 -9.11
N LYS C 294 24.38 40.98 -9.00
CA LYS C 294 24.99 41.71 -10.16
C LYS C 294 26.21 40.92 -10.68
N LYS C 295 27.10 40.48 -9.80
CA LYS C 295 28.32 39.73 -10.24
C LYS C 295 27.85 38.42 -10.88
N ALA C 296 26.83 37.79 -10.30
CA ALA C 296 26.21 36.55 -10.81
C ALA C 296 25.57 36.79 -12.19
N ARG C 297 24.85 37.88 -12.43
CA ARG C 297 24.19 38.07 -13.76
C ARG C 297 25.24 38.23 -14.86
N MET C 298 26.43 38.75 -14.49
CA MET C 298 27.57 39.11 -15.40
C MET C 298 28.31 37.82 -15.79
N GLY C 299 28.78 37.05 -14.80
CA GLY C 299 29.45 35.74 -14.96
C GLY C 299 28.60 34.68 -15.65
N VAL C 300 27.30 34.81 -15.62
CA VAL C 300 26.40 33.91 -16.39
C VAL C 300 26.57 34.20 -17.88
N VAL C 301 26.65 35.48 -18.25
CA VAL C 301 26.55 35.90 -19.67
C VAL C 301 27.66 35.18 -20.47
N GLU C 302 28.93 35.16 -19.99
CA GLU C 302 29.98 34.31 -20.64
C GLU C 302 29.52 32.83 -20.65
N CYS C 303 29.43 32.18 -19.47
CA CYS C 303 29.14 30.74 -19.25
C CYS C 303 27.98 30.21 -20.12
N ALA C 304 26.92 31.00 -20.36
CA ALA C 304 25.66 30.58 -21.02
C ALA C 304 25.82 30.61 -22.54
N LYS C 305 26.53 31.63 -23.06
CA LYS C 305 26.87 31.81 -24.50
C LYS C 305 27.54 30.52 -25.01
N HIS C 306 28.57 30.05 -24.29
CA HIS C 306 29.33 28.80 -24.55
C HIS C 306 28.62 27.52 -24.00
N GLU C 307 27.32 27.55 -23.67
CA GLU C 307 26.48 26.33 -23.47
C GLU C 307 26.95 25.48 -22.26
N LEU C 308 27.68 26.07 -21.29
CA LEU C 308 28.05 25.47 -19.98
C LEU C 308 26.89 25.56 -18.99
N LEU C 309 25.92 26.47 -19.21
CA LEU C 309 24.66 26.61 -18.42
C LEU C 309 23.46 26.59 -19.37
N GLN C 310 22.51 25.66 -19.23
CA GLN C 310 21.17 25.82 -19.86
C GLN C 310 20.34 26.79 -19.01
N PRO C 311 19.62 27.76 -19.62
CA PRO C 311 18.62 28.54 -18.89
C PRO C 311 17.26 27.82 -18.73
N PHE C 312 16.50 28.20 -17.69
CA PHE C 312 15.09 27.83 -17.44
C PHE C 312 14.25 29.09 -17.63
N ASN C 313 13.79 29.31 -18.85
CA ASN C 313 13.12 30.58 -19.24
C ASN C 313 11.73 30.64 -18.65
N VAL C 314 11.33 31.85 -18.27
CA VAL C 314 9.96 32.19 -17.85
C VAL C 314 9.14 32.38 -19.13
N LEU C 315 8.37 31.37 -19.54
CA LEU C 315 7.44 31.48 -20.70
C LEU C 315 6.04 31.89 -20.21
N TYR C 316 5.26 32.44 -21.13
CA TYR C 316 3.96 33.11 -20.88
C TYR C 316 3.03 32.71 -22.00
N GLU C 317 1.83 32.32 -21.61
CA GLU C 317 0.62 32.31 -22.44
C GLU C 317 0.18 33.78 -22.62
N LYS C 318 -0.83 33.96 -23.49
CA LYS C 318 -1.64 35.19 -23.72
C LYS C 318 -2.31 35.63 -22.41
N GLU C 319 -2.46 36.95 -22.23
CA GLU C 319 -2.93 37.51 -20.96
C GLU C 319 -4.45 37.29 -20.87
N GLY C 320 -4.98 37.09 -19.67
CA GLY C 320 -6.40 36.79 -19.42
C GLY C 320 -6.70 35.29 -19.47
N GLU C 321 -5.71 34.52 -19.95
CA GLU C 321 -5.70 33.02 -19.95
C GLU C 321 -4.90 32.54 -18.74
N PHE C 322 -5.10 31.29 -18.40
CA PHE C 322 -4.68 30.68 -17.12
C PHE C 322 -3.93 29.36 -17.39
N VAL C 323 -2.85 29.14 -16.69
CA VAL C 323 -2.10 27.88 -16.88
C VAL C 323 -2.07 27.18 -15.55
N ALA C 324 -2.60 25.95 -15.49
CA ALA C 324 -2.52 25.06 -14.29
C ALA C 324 -1.41 24.00 -14.46
N GLN C 325 -0.80 23.63 -13.33
CA GLN C 325 0.31 22.66 -13.25
C GLN C 325 0.09 21.73 -12.06
N PHE C 326 0.30 20.43 -12.29
CA PHE C 326 0.55 19.40 -11.24
C PHE C 326 1.73 18.54 -11.68
N LYS C 327 2.72 18.50 -10.82
CA LYS C 327 3.97 17.76 -11.11
C LYS C 327 4.11 16.81 -9.94
N PHE C 328 4.33 15.53 -10.24
CA PHE C 328 4.60 14.51 -9.21
C PHE C 328 5.72 13.61 -9.70
N THR C 329 6.50 13.12 -8.73
CA THR C 329 7.64 12.19 -8.97
C THR C 329 7.15 10.83 -8.59
N VAL C 330 7.33 9.90 -9.51
CA VAL C 330 6.79 8.52 -9.39
C VAL C 330 7.89 7.52 -9.68
N LEU C 331 7.92 6.50 -8.85
CA LEU C 331 8.84 5.35 -8.98
C LEU C 331 8.07 4.16 -9.55
N LEU C 332 8.53 3.57 -10.66
CA LEU C 332 7.84 2.40 -11.28
C LEU C 332 8.33 1.16 -10.56
N MET C 333 7.70 0.90 -9.43
CA MET C 333 8.03 -0.25 -8.60
C MET C 333 7.27 -1.44 -9.17
N PRO C 334 7.72 -2.65 -8.80
CA PRO C 334 7.09 -3.90 -9.24
C PRO C 334 5.60 -3.93 -8.88
N ASN C 335 5.26 -3.58 -7.64
CA ASN C 335 3.85 -3.56 -7.12
C ASN C 335 2.96 -2.57 -7.90
N GLY C 336 3.55 -1.57 -8.54
CA GLY C 336 2.82 -0.51 -9.23
C GLY C 336 3.49 0.83 -8.99
N PRO C 337 3.03 1.87 -9.70
CA PRO C 337 3.62 3.20 -9.59
C PRO C 337 3.46 3.62 -8.13
N MET C 338 4.52 4.17 -7.56
CA MET C 338 4.56 4.63 -6.17
C MET C 338 4.89 6.13 -6.18
N ARG C 339 3.89 6.94 -5.90
CA ARG C 339 3.99 8.40 -6.10
C ARG C 339 4.64 8.95 -4.85
N ILE C 340 5.72 9.70 -4.93
CA ILE C 340 6.40 10.15 -3.68
C ILE C 340 6.16 11.65 -3.47
N THR C 341 5.55 12.37 -4.39
CA THR C 341 5.18 13.77 -4.14
C THR C 341 3.82 14.07 -4.74
N SER C 342 3.17 15.13 -4.24
CA SER C 342 1.82 15.52 -4.70
C SER C 342 1.42 16.82 -4.02
N GLY C 343 0.67 17.67 -4.69
CA GLY C 343 0.08 18.83 -4.00
C GLY C 343 -1.12 18.41 -3.17
N PRO C 344 -1.63 19.24 -2.24
CA PRO C 344 -2.86 18.92 -1.53
C PRO C 344 -4.10 19.30 -2.36
N PHE C 345 -4.43 18.55 -3.42
CA PHE C 345 -5.63 18.82 -4.26
C PHE C 345 -6.94 18.49 -3.51
N GLU C 346 -7.91 19.42 -3.44
CA GLU C 346 -9.28 19.18 -2.91
C GLU C 346 -10.28 19.36 -4.05
N PRO C 347 -10.82 18.30 -4.68
CA PRO C 347 -11.62 18.48 -5.89
C PRO C 347 -12.94 19.23 -5.68
N ASP C 348 -13.42 19.25 -4.43
CA ASP C 348 -14.65 19.98 -3.98
C ASP C 348 -14.47 21.51 -4.12
N LEU C 349 -13.26 22.04 -4.09
CA LEU C 349 -13.00 23.48 -4.32
C LEU C 349 -13.40 23.93 -5.74
N TYR C 350 -13.64 23.02 -6.69
CA TYR C 350 -13.70 23.41 -8.13
C TYR C 350 -15.00 22.90 -8.77
N LYS C 351 -15.81 23.84 -9.27
CA LYS C 351 -17.05 23.55 -10.02
C LYS C 351 -16.91 24.03 -11.45
N SER C 352 -16.88 23.09 -12.41
CA SER C 352 -16.87 23.36 -13.87
C SER C 352 -18.19 22.89 -14.50
N GLU C 353 -18.66 23.61 -15.51
CA GLU C 353 -19.89 23.21 -16.27
C GLU C 353 -19.50 22.02 -17.16
N MET C 354 -18.22 21.80 -17.46
CA MET C 354 -17.77 20.65 -18.29
C MET C 354 -17.26 19.49 -17.42
N GLU C 355 -17.13 18.31 -18.01
CA GLU C 355 -16.64 17.04 -17.38
C GLU C 355 -16.05 16.15 -18.47
N VAL C 356 -15.13 15.27 -18.08
CA VAL C 356 -14.67 14.13 -18.92
C VAL C 356 -15.88 13.24 -19.18
N GLN C 357 -16.21 12.97 -20.44
CA GLN C 357 -17.43 12.18 -20.78
C GLN C 357 -17.08 10.91 -21.57
N ASP C 358 -15.84 10.74 -22.08
CA ASP C 358 -15.32 9.55 -22.81
C ASP C 358 -15.41 8.34 -21.86
N ALA C 359 -16.21 7.34 -22.22
CA ALA C 359 -16.47 6.10 -21.43
C ALA C 359 -15.17 5.52 -20.88
N GLU C 360 -14.17 5.46 -21.75
CA GLU C 360 -12.92 4.70 -21.52
C GLU C 360 -12.01 5.48 -20.57
N LEU C 361 -11.91 6.81 -20.72
CA LEU C 361 -11.20 7.66 -19.74
C LEU C 361 -12.00 7.80 -18.43
N LYS C 362 -13.33 7.87 -18.45
CA LYS C 362 -14.04 7.86 -17.16
C LYS C 362 -13.64 6.56 -16.44
N ALA C 363 -13.60 5.40 -17.12
CA ALA C 363 -13.25 4.13 -16.45
C ALA C 363 -11.80 4.15 -15.91
N LEU C 364 -10.85 4.73 -16.65
CA LEU C 364 -9.42 4.85 -16.25
C LEU C 364 -9.30 5.62 -14.93
N LEU C 365 -9.88 6.83 -14.88
CA LEU C 365 -9.87 7.77 -13.72
C LEU C 365 -10.53 7.19 -12.47
N GLN C 366 -11.45 6.23 -12.59
CA GLN C 366 -12.19 5.54 -11.48
C GLN C 366 -11.36 4.39 -10.93
N SER C 367 -10.54 3.81 -11.77
CA SER C 367 -9.18 3.25 -11.49
C SER C 367 -9.10 1.87 -12.11
S SO4 D . -9.54 -2.07 12.99
O1 SO4 D . -10.44 -1.11 13.59
O2 SO4 D . -9.55 -1.95 11.56
O3 SO4 D . -9.98 -3.40 13.40
O4 SO4 D . -8.22 -1.82 13.46
S SO4 E . -4.87 4.21 13.44
O1 SO4 E . -6.10 4.93 13.68
O2 SO4 E . -4.71 3.95 12.01
O3 SO4 E . -4.94 2.97 14.19
O4 SO4 E . -3.77 5.02 13.89
S SO4 F . 21.29 -4.38 20.58
O1 SO4 F . 22.10 -4.42 19.38
O2 SO4 F . 20.20 -3.46 20.39
O3 SO4 F . 22.10 -3.91 21.69
O4 SO4 F . 20.78 -5.71 20.86
S SO4 G . 9.43 20.47 27.85
O1 SO4 G . 8.78 19.86 26.71
O2 SO4 G . 8.85 21.76 28.05
O3 SO4 G . 9.24 19.67 29.05
O4 SO4 G . 10.84 20.59 27.58
S SO4 H . -3.21 -0.44 8.40
O1 SO4 H . -2.71 0.69 7.64
O2 SO4 H . -4.56 -0.20 8.85
O3 SO4 H . -3.17 -1.62 7.59
O4 SO4 H . -2.35 -0.64 9.55
S SO4 I . 16.12 -12.76 0.49
O1 SO4 I . 16.49 -13.60 -0.62
O2 SO4 I . 15.33 -11.65 0.00
O3 SO4 I . 15.38 -13.56 1.45
O4 SO4 I . 17.32 -12.24 1.11
S SO4 J . -20.10 -1.13 37.11
O1 SO4 J . -19.54 -1.13 35.78
O2 SO4 J . -21.48 -0.68 37.03
O3 SO4 J . -20.05 -2.46 37.65
O4 SO4 J . -19.37 -0.24 37.97
S SO4 K . 2.98 28.49 15.14
O1 SO4 K . 3.08 28.56 13.70
O2 SO4 K . 2.98 29.82 15.69
O3 SO4 K . 4.12 27.75 15.66
O4 SO4 K . 1.76 27.81 15.50
S SO4 L . -8.50 15.82 16.56
O1 SO4 L . -8.63 16.43 15.25
O2 SO4 L . -9.82 15.58 17.09
O3 SO4 L . -7.80 14.56 16.43
O4 SO4 L . -7.76 16.72 17.44
S SO4 M . -13.86 -6.45 -2.49
O1 SO4 M . -14.33 -6.09 -3.81
O2 SO4 M . -14.91 -6.30 -1.50
O3 SO4 M . -12.76 -5.58 -2.06
O4 SO4 M . -13.47 -7.82 -2.53
S SO4 N . 3.36 -27.74 -10.87
O1 SO4 N . 2.14 -28.24 -11.50
O2 SO4 N . 4.23 -27.19 -11.88
O3 SO4 N . 4.02 -28.83 -10.19
O4 SO4 N . 3.01 -26.73 -9.92
S SO4 O . -14.35 -1.16 -8.02
O1 SO4 O . -14.59 -0.82 -9.43
O2 SO4 O . -15.59 -1.51 -7.37
O3 SO4 O . -13.74 -0.04 -7.35
O4 SO4 O . -13.49 -2.28 -7.90
S SO4 P . -14.20 -14.01 -32.89
O1 SO4 P . -13.11 -14.14 -33.82
O2 SO4 P . -15.39 -13.61 -33.61
O3 SO4 P . -13.89 -13.00 -31.90
O4 SO4 P . -14.43 -15.27 -32.22
S SO4 Q . -19.14 -30.02 6.86
O1 SO4 Q . -18.46 -28.81 6.48
O2 SO4 Q . -20.28 -30.21 6.00
O3 SO4 Q . -19.59 -29.90 8.22
O4 SO4 Q . -18.25 -31.14 6.74
S SO4 R . -7.33 -4.22 -4.12
O1 SO4 R . -7.39 -5.15 -5.23
O2 SO4 R . -8.39 -3.24 -4.25
O3 SO4 R . -7.43 -4.97 -2.88
O4 SO4 R . -6.07 -3.52 -4.14
S SO4 S . 15.69 -9.22 -9.14
O1 SO4 S . 16.88 -8.58 -9.64
O2 SO4 S . 14.58 -8.28 -9.19
O3 SO4 S . 15.92 -9.64 -7.79
O4 SO4 S . 15.38 -10.37 -9.96
S SO4 T . -36.56 -9.49 -19.63
O1 SO4 T . -36.64 -10.80 -20.27
O2 SO4 T . -37.24 -8.51 -20.46
O3 SO4 T . -37.18 -9.60 -18.32
O4 SO4 T . -35.19 -9.07 -19.46
S SO4 U . -29.04 -4.91 4.61
O1 SO4 U . -28.57 -5.64 3.46
O2 SO4 U . -28.99 -3.49 4.33
O3 SO4 U . -30.38 -5.31 4.93
O4 SO4 U . -28.17 -5.20 5.74
S SO4 V . -4.65 13.53 -5.30
O1 SO4 V . -4.18 13.82 -6.63
O2 SO4 V . -5.94 14.13 -5.08
O3 SO4 V . -4.74 12.09 -5.13
O4 SO4 V . -3.72 14.07 -4.36
S SO4 W . -3.08 16.26 1.39
O1 SO4 W . -2.34 17.24 2.18
O2 SO4 W . -3.89 16.88 0.37
O3 SO4 W . -3.97 15.52 2.26
O4 SO4 W . -2.14 15.39 0.75
S SO4 X . 3.87 -1.73 -0.87
O1 SO4 X . 4.54 -2.24 -2.04
O2 SO4 X . 2.67 -1.04 -1.28
O3 SO4 X . 3.51 -2.84 0.01
O4 SO4 X . 4.77 -0.79 -0.20
S SO4 Y . -0.06 8.88 -2.32
O1 SO4 Y . 0.73 10.08 -2.59
O2 SO4 Y . -0.56 8.34 -3.56
O3 SO4 Y . -1.17 9.19 -1.44
O4 SO4 Y . 0.78 7.88 -1.70
S SO4 Z . 1.61 21.77 -36.23
O1 SO4 Z . 0.69 21.68 -37.34
O2 SO4 Z . 1.52 23.08 -35.64
O3 SO4 Z . 2.96 21.52 -36.69
O4 SO4 Z . 1.24 20.77 -35.26
S SO4 AA . -13.93 33.24 -15.33
O1 SO4 AA . -13.13 33.14 -16.54
O2 SO4 AA . -14.04 34.62 -14.94
O3 SO4 AA . -13.28 32.49 -14.27
O4 SO4 AA . -15.26 32.73 -15.56
S SO4 BA . 20.01 -3.83 -2.14
O1 SO4 BA . 19.91 -4.48 -3.44
O2 SO4 BA . 20.51 -2.48 -2.29
O3 SO4 BA . 20.92 -4.57 -1.30
O4 SO4 BA . 18.71 -3.81 -1.52
S SO4 CA . 24.36 26.57 -0.04
O1 SO4 CA . 23.98 26.49 -1.43
O2 SO4 CA . 23.38 27.34 0.70
O3 SO4 CA . 24.43 25.24 0.52
O4 SO4 CA . 25.66 27.19 0.07
S SO4 DA . -6.42 41.97 -3.15
O1 SO4 DA . -7.75 42.38 -2.74
O2 SO4 DA . -6.12 42.49 -4.46
O3 SO4 DA . -6.37 40.52 -3.20
O4 SO4 DA . -5.45 42.44 -2.20
S SO4 EA . 20.02 10.16 -19.53
O1 SO4 EA . 18.63 9.80 -19.35
O2 SO4 EA . 20.13 11.55 -19.89
O3 SO4 EA . 20.59 9.34 -20.57
O4 SO4 EA . 20.74 9.92 -18.29
#